data_9MDB
# 
_entry.id   9MDB 
# 
_audit_conform.dict_name       mmcif_pdbx.dic 
_audit_conform.dict_version    5.403 
_audit_conform.dict_location   http://mmcif.pdb.org/dictionaries/ascii/mmcif_pdbx.dic 
# 
loop_
_database_2.database_id 
_database_2.database_code 
_database_2.pdbx_database_accession 
_database_2.pdbx_DOI 
PDB   9MDB         pdb_00009mdb 10.2210/pdb9mdb/pdb 
WWPDB D_1000289704 ?            ?                   
# 
loop_
_pdbx_audit_revision_history.ordinal 
_pdbx_audit_revision_history.data_content_type 
_pdbx_audit_revision_history.major_revision 
_pdbx_audit_revision_history.minor_revision 
_pdbx_audit_revision_history.revision_date 
_pdbx_audit_revision_history.part_number 
1 'Structure model' 1 0 2025-05-21 ? 
2 'Structure model' 1 1 2025-06-04 ? 
# 
_pdbx_audit_revision_details.ordinal             1 
_pdbx_audit_revision_details.revision_ordinal    1 
_pdbx_audit_revision_details.data_content_type   'Structure model' 
_pdbx_audit_revision_details.provider            repository 
_pdbx_audit_revision_details.type                'Initial release' 
_pdbx_audit_revision_details.description         ? 
_pdbx_audit_revision_details.details             ? 
# 
_pdbx_audit_revision_group.ordinal             1 
_pdbx_audit_revision_group.revision_ordinal    2 
_pdbx_audit_revision_group.data_content_type   'Structure model' 
_pdbx_audit_revision_group.group               'Database references' 
# 
loop_
_pdbx_audit_revision_category.ordinal 
_pdbx_audit_revision_category.revision_ordinal 
_pdbx_audit_revision_category.data_content_type 
_pdbx_audit_revision_category.category 
1 2 'Structure model' citation        
2 2 'Structure model' citation_author 
# 
loop_
_pdbx_audit_revision_item.ordinal 
_pdbx_audit_revision_item.revision_ordinal 
_pdbx_audit_revision_item.data_content_type 
_pdbx_audit_revision_item.item 
1 2 'Structure model' '_citation.journal_volume'          
2 2 'Structure model' '_citation.page_first'              
3 2 'Structure model' '_citation.page_last'               
4 2 'Structure model' '_citation_author.identifier_ORCID' 
# 
_pdbx_database_status.status_code                     REL 
_pdbx_database_status.status_code_sf                  REL 
_pdbx_database_status.status_code_mr                  ? 
_pdbx_database_status.entry_id                        9MDB 
_pdbx_database_status.recvd_initial_deposition_date   2024-12-05 
_pdbx_database_status.SG_entry                        N 
_pdbx_database_status.deposit_site                    RCSB 
_pdbx_database_status.process_site                    RCSB 
_pdbx_database_status.status_code_cs                  ? 
_pdbx_database_status.status_code_nmr_data            ? 
_pdbx_database_status.methods_development_category    ? 
_pdbx_database_status.pdb_format_compatible           Y 
# 
_pdbx_contact_author.id                 2 
_pdbx_contact_author.email              andyn@uic.edu 
_pdbx_contact_author.name_first         Andy 
_pdbx_contact_author.name_last          Nguyen 
_pdbx_contact_author.name_mi            I 
_pdbx_contact_author.role               'principal investigator/group leader' 
_pdbx_contact_author.identifier_ORCID   0000-0003-4137-6453 
# 
_audit_author.name               'Richardson-Matthews, R.M.' 
_audit_author.pdbx_ordinal       1 
_audit_author.identifier_ORCID   ? 
# 
_citation.abstract                  ? 
_citation.abstract_id_CAS           ? 
_citation.book_id_ISBN              ? 
_citation.book_publisher            ? 
_citation.book_publisher_city       ? 
_citation.book_title                ? 
_citation.coordinate_linkage        ? 
_citation.country                   US 
_citation.database_id_Medline       ? 
_citation.details                   ? 
_citation.id                        primary 
_citation.journal_abbrev            J.Am.Chem.Soc. 
_citation.journal_id_ASTM           JACSAT 
_citation.journal_id_CSD            ? 
_citation.journal_id_ISSN           1520-5126 
_citation.journal_full              ? 
_citation.journal_issue             ? 
_citation.journal_volume            147 
_citation.language                  ? 
_citation.page_first                17433 
_citation.page_last                 17447 
_citation.title                     'Metal-alpha-Helix Peptide Frameworks.' 
_citation.year                      2025 
_citation.database_id_CSD           ? 
_citation.pdbx_database_id_DOI      10.1021/jacs.5c04078 
_citation.pdbx_database_id_PubMed   40328673 
_citation.pdbx_database_id_patent   ? 
_citation.unpublished_flag          ? 
# 
loop_
_citation_author.citation_id 
_citation_author.name 
_citation_author.ordinal 
_citation_author.identifier_ORCID 
primary 'Richardson-Matthews, R.' 1 ? 
primary 'Velko, K.'               2 ? 
primary 'Bhunia, B.'              3 ? 
primary 'Ghosh, S.'               4 ? 
primary 'Oktawiec, J.'            5 ? 
primary 'Brunzelle, J.S.'         6 ? 
primary 'Dang, V.T.'              7 ? 
primary 'Nguyen, A.I.'            8 ? 
# 
loop_
_entity.id 
_entity.type 
_entity.src_method 
_entity.pdbx_description 
_entity.formula_weight 
_entity.pdbx_number_of_molecules 
_entity.pdbx_ec 
_entity.pdbx_mutation 
_entity.pdbx_fragment 
_entity.details 
1 polymer     syn 'Co-MAHF-9 A8V'   1003.240 1 ? ? ? ? 
2 non-polymer syn 'COBALT (II) ION' 58.933   1 ? ? ? ? 
3 water       nat water             18.015   9 ? ? ? ? 
# 
_entity_poly.entity_id                      1 
_entity_poly.type                           'polypeptide(L)' 
_entity_poly.nstd_linkage                   no 
_entity_poly.nstd_monomer                   yes 
_entity_poly.pdbx_seq_one_letter_code       '(ACE)L(AIB)E(AIB)LHV(AIB)L(NH2)' 
_entity_poly.pdbx_seq_one_letter_code_can   XLAEALHVALX 
_entity_poly.pdbx_strand_id                 A 
_entity_poly.pdbx_target_identifier         ? 
# 
loop_
_pdbx_entity_nonpoly.entity_id 
_pdbx_entity_nonpoly.name 
_pdbx_entity_nonpoly.comp_id 
2 'COBALT (II) ION' CO  
3 water             HOH 
# 
loop_
_entity_poly_seq.entity_id 
_entity_poly_seq.num 
_entity_poly_seq.mon_id 
_entity_poly_seq.hetero 
1 1  ACE n 
1 2  LEU n 
1 3  AIB n 
1 4  GLU n 
1 5  AIB n 
1 6  LEU n 
1 7  HIS n 
1 8  VAL n 
1 9  AIB n 
1 10 LEU n 
1 11 NH2 n 
# 
_pdbx_entity_src_syn.entity_id              1 
_pdbx_entity_src_syn.pdbx_src_id            1 
_pdbx_entity_src_syn.pdbx_alt_source_flag   sample 
_pdbx_entity_src_syn.pdbx_beg_seq_num       1 
_pdbx_entity_src_syn.pdbx_end_seq_num       11 
_pdbx_entity_src_syn.organism_scientific    'synthetic construct' 
_pdbx_entity_src_syn.organism_common_name   ? 
_pdbx_entity_src_syn.ncbi_taxonomy_id       32630 
_pdbx_entity_src_syn.details                ? 
# 
loop_
_chem_comp.id 
_chem_comp.type 
_chem_comp.mon_nstd_flag 
_chem_comp.name 
_chem_comp.pdbx_synonyms 
_chem_comp.formula 
_chem_comp.formula_weight 
ACE non-polymer         . 'ACETYL GROUP'               ? 'C2 H4 O'        44.053  
AIB 'L-peptide linking' n 'ALPHA-AMINOISOBUTYRIC ACID' ? 'C4 H9 N O2'     103.120 
CO  non-polymer         . 'COBALT (II) ION'            ? 'Co 2'           58.933  
GLU 'L-peptide linking' y 'GLUTAMIC ACID'              ? 'C5 H9 N O4'     147.129 
HIS 'L-peptide linking' y HISTIDINE                    ? 'C6 H10 N3 O2 1' 156.162 
HOH non-polymer         . WATER                        ? 'H2 O'           18.015  
LEU 'L-peptide linking' y LEUCINE                      ? 'C6 H13 N O2'    131.173 
NH2 non-polymer         . 'AMINO GROUP'                ? 'H2 N'           16.023  
VAL 'L-peptide linking' y VALINE                       ? 'C5 H11 N O2'    117.146 
# 
loop_
_pdbx_poly_seq_scheme.asym_id 
_pdbx_poly_seq_scheme.entity_id 
_pdbx_poly_seq_scheme.seq_id 
_pdbx_poly_seq_scheme.mon_id 
_pdbx_poly_seq_scheme.ndb_seq_num 
_pdbx_poly_seq_scheme.pdb_seq_num 
_pdbx_poly_seq_scheme.auth_seq_num 
_pdbx_poly_seq_scheme.pdb_mon_id 
_pdbx_poly_seq_scheme.auth_mon_id 
_pdbx_poly_seq_scheme.pdb_strand_id 
_pdbx_poly_seq_scheme.pdb_ins_code 
_pdbx_poly_seq_scheme.hetero 
A 1 1  ACE 1  1  1  ACE ACY A . n 
A 1 2  LEU 2  2  2  LEU LEU A . n 
A 1 3  AIB 3  3  3  AIB AIB A . n 
A 1 4  GLU 4  4  4  GLU GLU A . n 
A 1 5  AIB 5  5  5  AIB AIB A . n 
A 1 6  LEU 6  6  6  LEU LEU A . n 
A 1 7  HIS 7  7  7  HIS HIS A . n 
A 1 8  VAL 8  8  8  VAL VAL A . n 
A 1 9  AIB 9  9  9  AIB AIB A . n 
A 1 10 LEU 10 10 10 LEU LEU A . n 
A 1 11 NH2 11 11 11 NH2 NH3 A . n 
# 
loop_
_pdbx_nonpoly_scheme.asym_id 
_pdbx_nonpoly_scheme.entity_id 
_pdbx_nonpoly_scheme.mon_id 
_pdbx_nonpoly_scheme.ndb_seq_num 
_pdbx_nonpoly_scheme.pdb_seq_num 
_pdbx_nonpoly_scheme.auth_seq_num 
_pdbx_nonpoly_scheme.pdb_mon_id 
_pdbx_nonpoly_scheme.auth_mon_id 
_pdbx_nonpoly_scheme.pdb_strand_id 
_pdbx_nonpoly_scheme.pdb_ins_code 
B 2 CO  1 101 1 CO  CO  A . 
C 3 HOH 1 201 6 HOH HOH A . 
C 3 HOH 2 202 2 HOH HOH A . 
C 3 HOH 3 203 7 HOH HOH A . 
C 3 HOH 4 204 3 HOH HOH A . 
C 3 HOH 5 205 5 HOH HOH A . 
C 3 HOH 6 206 1 HOH HOH A . 
C 3 HOH 7 207 4 HOH HOH A . 
C 3 HOH 8 208 8 HOH HOH A . 
C 3 HOH 9 209 9 HOH HOH A . 
# 
loop_
_software.citation_id 
_software.classification 
_software.compiler_name 
_software.compiler_version 
_software.contact_author 
_software.contact_author_email 
_software.date 
_software.description 
_software.dependencies 
_software.hardware 
_software.language 
_software.location 
_software.mods 
_software.name 
_software.os 
_software.os_version 
_software.type 
_software.version 
_software.pdbx_ordinal 
? refinement       ? ? ? ? ? ? ? ? ? ? ? PHENIX ? ? ? 1.20.1_4487 1 
? 'data reduction' ? ? ? ? ? ? ? ? ? ? ? XDS    ? ? ? .           2 
? 'data scaling'   ? ? ? ? ? ? ? ? ? ? ? XDS    ? ? ? .           3 
? phasing          ? ? ? ? ? ? ? ? ? ? ? PHASER ? ? ? .           4 
# 
_cell.angle_alpha                  90.000 
_cell.angle_alpha_esd              ? 
_cell.angle_beta                   90.000 
_cell.angle_beta_esd               ? 
_cell.angle_gamma                  90.000 
_cell.angle_gamma_esd              ? 
_cell.entry_id                     9MDB 
_cell.details                      ? 
_cell.formula_units_Z              ? 
_cell.length_a                     10.793 
_cell.length_a_esd                 ? 
_cell.length_b                     31.072 
_cell.length_b_esd                 ? 
_cell.length_c                     37.915 
_cell.length_c_esd                 ? 
_cell.volume                       12715.178 
_cell.volume_esd                   ? 
_cell.Z_PDB                        8 
_cell.reciprocal_angle_alpha       ? 
_cell.reciprocal_angle_beta        ? 
_cell.reciprocal_angle_gamma       ? 
_cell.reciprocal_angle_alpha_esd   ? 
_cell.reciprocal_angle_beta_esd    ? 
_cell.reciprocal_angle_gamma_esd   ? 
_cell.reciprocal_length_a          ? 
_cell.reciprocal_length_b          ? 
_cell.reciprocal_length_c          ? 
_cell.reciprocal_length_a_esd      ? 
_cell.reciprocal_length_b_esd      ? 
_cell.reciprocal_length_c_esd      ? 
_cell.pdbx_unique_axis             ? 
_cell.pdbx_esd_method              ? 
# 
_symmetry.entry_id                         9MDB 
_symmetry.cell_setting                     ? 
_symmetry.Int_Tables_number                20 
_symmetry.space_group_name_Hall            'C 2c 2' 
_symmetry.space_group_name_H-M             'C 2 2 21' 
_symmetry.pdbx_full_space_group_name_H-M   ? 
# 
_exptl.absorpt_coefficient_mu     ? 
_exptl.absorpt_correction_T_max   ? 
_exptl.absorpt_correction_T_min   ? 
_exptl.absorpt_correction_type    ? 
_exptl.absorpt_process_details    ? 
_exptl.entry_id                   9MDB 
_exptl.crystals_number            1 
_exptl.details                    ? 
_exptl.method                     'X-RAY DIFFRACTION' 
_exptl.method_details             ? 
# 
_exptl_crystal.colour                       ? 
_exptl_crystal.density_diffrn               ? 
_exptl_crystal.density_Matthews             1.56 
_exptl_crystal.density_method               ? 
_exptl_crystal.density_percent_sol          21.05 
_exptl_crystal.description                  ? 
_exptl_crystal.F_000                        ? 
_exptl_crystal.id                           1 
_exptl_crystal.preparation                  ? 
_exptl_crystal.size_max                     ? 
_exptl_crystal.size_mid                     ? 
_exptl_crystal.size_min                     ? 
_exptl_crystal.size_rad                     ? 
_exptl_crystal.colour_lustre                ? 
_exptl_crystal.colour_modifier              ? 
_exptl_crystal.colour_primary               ? 
_exptl_crystal.density_meas                 ? 
_exptl_crystal.density_meas_esd             ? 
_exptl_crystal.density_meas_gt              ? 
_exptl_crystal.density_meas_lt              ? 
_exptl_crystal.density_meas_temp            ? 
_exptl_crystal.density_meas_temp_esd        ? 
_exptl_crystal.density_meas_temp_gt         ? 
_exptl_crystal.density_meas_temp_lt         ? 
_exptl_crystal.pdbx_crystal_image_url       ? 
_exptl_crystal.pdbx_crystal_image_format    ? 
_exptl_crystal.pdbx_mosaicity               ? 
_exptl_crystal.pdbx_mosaicity_esd           ? 
_exptl_crystal.pdbx_mosaic_method           ? 
_exptl_crystal.pdbx_mosaic_block_size       ? 
_exptl_crystal.pdbx_mosaic_block_size_esd   ? 
# 
_exptl_crystal_grow.apparatus       ? 
_exptl_crystal_grow.atmosphere      ? 
_exptl_crystal_grow.crystal_id      1 
_exptl_crystal_grow.details         ? 
_exptl_crystal_grow.method          'SLOW COOLING' 
_exptl_crystal_grow.method_ref      ? 
_exptl_crystal_grow.pH              ? 
_exptl_crystal_grow.pressure        ? 
_exptl_crystal_grow.pressure_esd    ? 
_exptl_crystal_grow.seeding         ? 
_exptl_crystal_grow.seeding_ref     ? 
_exptl_crystal_grow.temp_details    ? 
_exptl_crystal_grow.temp_esd        ? 
_exptl_crystal_grow.time            ? 
_exptl_crystal_grow.pdbx_details    'water, acetonitrile, cobalt acetate, sodium hydroxide' 
_exptl_crystal_grow.pdbx_pH_range   ? 
_exptl_crystal_grow.temp            298 
# 
_diffrn.ambient_environment              ? 
_diffrn.ambient_temp                     100 
_diffrn.ambient_temp_details             ? 
_diffrn.ambient_temp_esd                 ? 
_diffrn.crystal_id                       1 
_diffrn.crystal_support                  ? 
_diffrn.crystal_treatment                ? 
_diffrn.details                          ? 
_diffrn.id                               1 
_diffrn.ambient_pressure                 ? 
_diffrn.ambient_pressure_esd             ? 
_diffrn.ambient_pressure_gt              ? 
_diffrn.ambient_pressure_lt              ? 
_diffrn.ambient_temp_gt                  ? 
_diffrn.ambient_temp_lt                  ? 
_diffrn.pdbx_serial_crystal_experiment   N 
# 
_diffrn_detector.details                      ? 
_diffrn_detector.detector                     PIXEL 
_diffrn_detector.diffrn_id                    1 
_diffrn_detector.type                         'DECTRIS EIGER X 16M' 
_diffrn_detector.area_resol_mean              ? 
_diffrn_detector.dtime                        ? 
_diffrn_detector.pdbx_frames_total            ? 
_diffrn_detector.pdbx_collection_time_total   ? 
_diffrn_detector.pdbx_collection_date         2024-08-30 
_diffrn_detector.pdbx_frequency               ? 
_diffrn_detector.id                           ? 
_diffrn_detector.number_of_axes               ? 
# 
_diffrn_radiation.collimation                      ? 
_diffrn_radiation.diffrn_id                        1 
_diffrn_radiation.filter_edge                      ? 
_diffrn_radiation.inhomogeneity                    ? 
_diffrn_radiation.monochromator                    ? 
_diffrn_radiation.polarisn_norm                    ? 
_diffrn_radiation.polarisn_ratio                   ? 
_diffrn_radiation.probe                            ? 
_diffrn_radiation.type                             ? 
_diffrn_radiation.xray_symbol                      ? 
_diffrn_radiation.wavelength_id                    1 
_diffrn_radiation.pdbx_monochromatic_or_laue_m_l   M 
_diffrn_radiation.pdbx_wavelength_list             ? 
_diffrn_radiation.pdbx_wavelength                  ? 
_diffrn_radiation.pdbx_diffrn_protocol             'SINGLE WAVELENGTH' 
_diffrn_radiation.pdbx_analyzer                    ? 
_diffrn_radiation.pdbx_scattering_type             x-ray 
# 
_diffrn_radiation_wavelength.id           1 
_diffrn_radiation_wavelength.wavelength   0.688801 
_diffrn_radiation_wavelength.wt           1.0 
# 
_diffrn_source.current                     ? 
_diffrn_source.details                     ? 
_diffrn_source.diffrn_id                   1 
_diffrn_source.power                       ? 
_diffrn_source.size                        ? 
_diffrn_source.source                      SYNCHROTRON 
_diffrn_source.target                      ? 
_diffrn_source.type                        'MAX IV BEAMLINE BioMAX' 
_diffrn_source.voltage                     ? 
_diffrn_source.take-off_angle              ? 
_diffrn_source.pdbx_wavelength_list        0.688801 
_diffrn_source.pdbx_wavelength             ? 
_diffrn_source.pdbx_synchrotron_beamline   BioMAX 
_diffrn_source.pdbx_synchrotron_site       'MAX IV' 
# 
_reflns.B_iso_Wilson_estimate                          7.04 
_reflns.entry_id                                       9MDB 
_reflns.data_reduction_details                         ? 
_reflns.data_reduction_method                          ? 
_reflns.d_resolution_high                              0.81 
_reflns.d_resolution_low                               15.54 
_reflns.details                                        ? 
_reflns.limit_h_max                                    ? 
_reflns.limit_h_min                                    ? 
_reflns.limit_k_max                                    ? 
_reflns.limit_k_min                                    ? 
_reflns.limit_l_max                                    ? 
_reflns.limit_l_min                                    ? 
_reflns.number_all                                     ? 
_reflns.number_obs                                     6821 
_reflns.observed_criterion                             ? 
_reflns.observed_criterion_F_max                       ? 
_reflns.observed_criterion_F_min                       ? 
_reflns.observed_criterion_I_max                       ? 
_reflns.observed_criterion_I_min                       ? 
_reflns.observed_criterion_sigma_F                     ? 
_reflns.observed_criterion_sigma_I                     ? 
_reflns.percent_possible_obs                           99.59 
_reflns.R_free_details                                 ? 
_reflns.Rmerge_F_all                                   ? 
_reflns.Rmerge_F_obs                                   ? 
_reflns.Friedel_coverage                               ? 
_reflns.number_gt                                      ? 
_reflns.threshold_expression                           ? 
_reflns.pdbx_redundancy                                11.7 
_reflns.pdbx_netI_over_av_sigmaI                       ? 
_reflns.pdbx_netI_over_sigmaI                          18.26 
_reflns.pdbx_res_netI_over_av_sigmaI_2                 ? 
_reflns.pdbx_res_netI_over_sigmaI_2                    ? 
_reflns.pdbx_chi_squared                               ? 
_reflns.pdbx_scaling_rejects                           ? 
_reflns.pdbx_d_res_high_opt                            ? 
_reflns.pdbx_d_res_low_opt                             ? 
_reflns.pdbx_d_res_opt_method                          ? 
_reflns.phase_calculation_details                      ? 
_reflns.pdbx_Rrim_I_all                                ? 
_reflns.pdbx_Rpim_I_all                                ? 
_reflns.pdbx_d_opt                                     ? 
_reflns.pdbx_number_measured_all                       ? 
_reflns.pdbx_diffrn_id                                 1 
_reflns.pdbx_ordinal                                   1 
_reflns.pdbx_CC_half                                   0.998 
_reflns.pdbx_CC_star                                   ? 
_reflns.pdbx_R_split                                   ? 
_reflns.pdbx_Rmerge_I_obs                              ? 
_reflns.pdbx_Rmerge_I_all                              ? 
_reflns.pdbx_Rsym_value                                ? 
_reflns.pdbx_CC_split_method                           ? 
_reflns.pdbx_aniso_diffraction_limit_axis_1_ortho[1]   ? 
_reflns.pdbx_aniso_diffraction_limit_axis_1_ortho[2]   ? 
_reflns.pdbx_aniso_diffraction_limit_axis_1_ortho[3]   ? 
_reflns.pdbx_aniso_diffraction_limit_axis_2_ortho[1]   ? 
_reflns.pdbx_aniso_diffraction_limit_axis_2_ortho[2]   ? 
_reflns.pdbx_aniso_diffraction_limit_axis_2_ortho[3]   ? 
_reflns.pdbx_aniso_diffraction_limit_axis_3_ortho[1]   ? 
_reflns.pdbx_aniso_diffraction_limit_axis_3_ortho[2]   ? 
_reflns.pdbx_aniso_diffraction_limit_axis_3_ortho[3]   ? 
_reflns.pdbx_aniso_diffraction_limit_1                 ? 
_reflns.pdbx_aniso_diffraction_limit_2                 ? 
_reflns.pdbx_aniso_diffraction_limit_3                 ? 
_reflns.pdbx_aniso_B_tensor_eigenvector_1_ortho[1]     ? 
_reflns.pdbx_aniso_B_tensor_eigenvector_1_ortho[2]     ? 
_reflns.pdbx_aniso_B_tensor_eigenvector_1_ortho[3]     ? 
_reflns.pdbx_aniso_B_tensor_eigenvector_2_ortho[1]     ? 
_reflns.pdbx_aniso_B_tensor_eigenvector_2_ortho[2]     ? 
_reflns.pdbx_aniso_B_tensor_eigenvector_2_ortho[3]     ? 
_reflns.pdbx_aniso_B_tensor_eigenvector_3_ortho[1]     ? 
_reflns.pdbx_aniso_B_tensor_eigenvector_3_ortho[2]     ? 
_reflns.pdbx_aniso_B_tensor_eigenvector_3_ortho[3]     ? 
_reflns.pdbx_aniso_B_tensor_eigenvalue_1               ? 
_reflns.pdbx_aniso_B_tensor_eigenvalue_2               ? 
_reflns.pdbx_aniso_B_tensor_eigenvalue_3               ? 
_reflns.pdbx_orthogonalization_convention              ? 
_reflns.pdbx_percent_possible_ellipsoidal              ? 
_reflns.pdbx_percent_possible_spherical                ? 
_reflns.pdbx_percent_possible_ellipsoidal_anomalous    ? 
_reflns.pdbx_percent_possible_spherical_anomalous      ? 
_reflns.pdbx_redundancy_anomalous                      ? 
_reflns.pdbx_CC_half_anomalous                         ? 
_reflns.pdbx_absDiff_over_sigma_anomalous              ? 
_reflns.pdbx_percent_possible_anomalous                ? 
_reflns.pdbx_observed_signal_threshold                 ? 
_reflns.pdbx_signal_type                               ? 
_reflns.pdbx_signal_details                            ? 
_reflns.pdbx_signal_software_id                        ? 
# 
_reflns_shell.d_res_high                                    0.81 
_reflns_shell.d_res_low                                     0.8389 
_reflns_shell.meanI_over_sigI_all                           ? 
_reflns_shell.meanI_over_sigI_obs                           ? 
_reflns_shell.number_measured_all                           ? 
_reflns_shell.number_measured_obs                           ? 
_reflns_shell.number_possible                               ? 
_reflns_shell.number_unique_all                             ? 
_reflns_shell.number_unique_obs                             657 
_reflns_shell.percent_possible_obs                          ? 
_reflns_shell.Rmerge_F_all                                  ? 
_reflns_shell.Rmerge_F_obs                                  ? 
_reflns_shell.meanI_over_sigI_gt                            ? 
_reflns_shell.meanI_over_uI_all                             ? 
_reflns_shell.meanI_over_uI_gt                              ? 
_reflns_shell.number_measured_gt                            ? 
_reflns_shell.number_unique_gt                              ? 
_reflns_shell.percent_possible_gt                           ? 
_reflns_shell.Rmerge_F_gt                                   ? 
_reflns_shell.Rmerge_I_gt                                   ? 
_reflns_shell.pdbx_redundancy                               ? 
_reflns_shell.pdbx_chi_squared                              ? 
_reflns_shell.pdbx_netI_over_sigmaI_all                     ? 
_reflns_shell.pdbx_netI_over_sigmaI_obs                     ? 
_reflns_shell.pdbx_Rrim_I_all                               ? 
_reflns_shell.pdbx_Rpim_I_all                               ? 
_reflns_shell.pdbx_rejects                                  ? 
_reflns_shell.pdbx_ordinal                                  1 
_reflns_shell.pdbx_diffrn_id                                1 
_reflns_shell.pdbx_CC_half                                  0.864 
_reflns_shell.pdbx_CC_star                                  ? 
_reflns_shell.pdbx_R_split                                  ? 
_reflns_shell.percent_possible_all                          ? 
_reflns_shell.Rmerge_I_all                                  ? 
_reflns_shell.Rmerge_I_obs                                  ? 
_reflns_shell.pdbx_Rsym_value                               ? 
_reflns_shell.pdbx_percent_possible_ellipsoidal             ? 
_reflns_shell.pdbx_percent_possible_spherical               ? 
_reflns_shell.pdbx_percent_possible_ellipsoidal_anomalous   ? 
_reflns_shell.pdbx_percent_possible_spherical_anomalous     ? 
_reflns_shell.pdbx_redundancy_anomalous                     ? 
_reflns_shell.pdbx_CC_half_anomalous                        ? 
_reflns_shell.pdbx_absDiff_over_sigma_anomalous             ? 
_reflns_shell.pdbx_percent_possible_anomalous               ? 
# 
_refine.aniso_B[1][1]                            ? 
_refine.aniso_B[1][2]                            ? 
_refine.aniso_B[1][3]                            ? 
_refine.aniso_B[2][2]                            ? 
_refine.aniso_B[2][3]                            ? 
_refine.aniso_B[3][3]                            ? 
_refine.B_iso_max                                ? 
_refine.B_iso_mean                               8.77 
_refine.B_iso_min                                ? 
_refine.correlation_coeff_Fo_to_Fc               ? 
_refine.correlation_coeff_Fo_to_Fc_free          ? 
_refine.details                                  ? 
_refine.diff_density_max                         ? 
_refine.diff_density_max_esd                     ? 
_refine.diff_density_min                         ? 
_refine.diff_density_min_esd                     ? 
_refine.diff_density_rms                         ? 
_refine.diff_density_rms_esd                     ? 
_refine.entry_id                                 9MDB 
_refine.pdbx_refine_id                           'X-RAY DIFFRACTION' 
_refine.ls_abs_structure_details                 ? 
_refine.ls_abs_structure_Flack                   ? 
_refine.ls_abs_structure_Flack_esd               ? 
_refine.ls_abs_structure_Rogers                  ? 
_refine.ls_abs_structure_Rogers_esd              ? 
_refine.ls_d_res_high                            0.81 
_refine.ls_d_res_low                             15.54 
_refine.ls_extinction_coef                       ? 
_refine.ls_extinction_coef_esd                   ? 
_refine.ls_extinction_expression                 ? 
_refine.ls_extinction_method                     ? 
_refine.ls_goodness_of_fit_all                   ? 
_refine.ls_goodness_of_fit_all_esd               ? 
_refine.ls_goodness_of_fit_obs                   ? 
_refine.ls_goodness_of_fit_obs_esd               ? 
_refine.ls_hydrogen_treatment                    ? 
_refine.ls_matrix_type                           ? 
_refine.ls_number_constraints                    ? 
_refine.ls_number_parameters                     ? 
_refine.ls_number_reflns_all                     ? 
_refine.ls_number_reflns_obs                     6821 
_refine.ls_number_reflns_R_free                  1262 
_refine.ls_number_reflns_R_work                  11234 
_refine.ls_number_restraints                     ? 
_refine.ls_percent_reflns_obs                    99.51 
_refine.ls_percent_reflns_R_free                 10.10 
_refine.ls_R_factor_all                          ? 
_refine.ls_R_factor_obs                          0.1438 
_refine.ls_R_factor_R_free                       0.1546 
_refine.ls_R_factor_R_free_error                 ? 
_refine.ls_R_factor_R_free_error_details         ? 
_refine.ls_R_factor_R_work                       0.1425 
_refine.ls_R_Fsqd_factor_obs                     ? 
_refine.ls_R_I_factor_obs                        ? 
_refine.ls_redundancy_reflns_all                 ? 
_refine.ls_redundancy_reflns_obs                 ? 
_refine.ls_restrained_S_all                      ? 
_refine.ls_restrained_S_obs                      ? 
_refine.ls_shift_over_esd_max                    ? 
_refine.ls_shift_over_esd_mean                   ? 
_refine.ls_structure_factor_coef                 ? 
_refine.ls_weighting_details                     ? 
_refine.ls_weighting_scheme                      ? 
_refine.ls_wR_factor_all                         ? 
_refine.ls_wR_factor_obs                         ? 
_refine.ls_wR_factor_R_free                      ? 
_refine.ls_wR_factor_R_work                      ? 
_refine.occupancy_max                            ? 
_refine.occupancy_min                            ? 
_refine.solvent_model_details                    'FLAT BULK SOLVENT MODEL' 
_refine.solvent_model_param_bsol                 ? 
_refine.solvent_model_param_ksol                 ? 
_refine.pdbx_R_complete                          ? 
_refine.ls_R_factor_gt                           ? 
_refine.ls_goodness_of_fit_gt                    ? 
_refine.ls_goodness_of_fit_ref                   ? 
_refine.ls_shift_over_su_max                     ? 
_refine.ls_shift_over_su_max_lt                  ? 
_refine.ls_shift_over_su_mean                    ? 
_refine.ls_shift_over_su_mean_lt                 ? 
_refine.pdbx_ls_sigma_I                          ? 
_refine.pdbx_ls_sigma_F                          1.34 
_refine.pdbx_ls_sigma_Fsqd                       ? 
_refine.pdbx_data_cutoff_high_absF               ? 
_refine.pdbx_data_cutoff_high_rms_absF           ? 
_refine.pdbx_data_cutoff_low_absF                ? 
_refine.pdbx_isotropic_thermal_model             ? 
_refine.pdbx_ls_cross_valid_method               'FREE R-VALUE' 
_refine.pdbx_method_to_determine_struct          'MOLECULAR REPLACEMENT' 
_refine.pdbx_starting_model                      ? 
_refine.pdbx_stereochemistry_target_values       'GeoStd + Monomer Library + CDL v1.2' 
_refine.pdbx_R_Free_selection_details            ? 
_refine.pdbx_stereochem_target_val_spec_case     ? 
_refine.pdbx_overall_ESU_R                       ? 
_refine.pdbx_overall_ESU_R_Free                  ? 
_refine.pdbx_solvent_vdw_probe_radii             1.1000 
_refine.pdbx_solvent_ion_probe_radii             ? 
_refine.pdbx_solvent_shrinkage_radii             0.9000 
_refine.pdbx_real_space_R                        ? 
_refine.pdbx_density_correlation                 ? 
_refine.pdbx_pd_number_of_powder_patterns        ? 
_refine.pdbx_pd_number_of_points                 ? 
_refine.pdbx_pd_meas_number_of_points            ? 
_refine.pdbx_pd_proc_ls_prof_R_factor            ? 
_refine.pdbx_pd_proc_ls_prof_wR_factor           ? 
_refine.pdbx_pd_Marquardt_correlation_coeff      ? 
_refine.pdbx_pd_Fsqrd_R_factor                   ? 
_refine.pdbx_pd_ls_matrix_band_width             ? 
_refine.pdbx_overall_phase_error                 19.9619 
_refine.pdbx_overall_SU_R_free_Cruickshank_DPI   ? 
_refine.pdbx_overall_SU_R_free_Blow_DPI          ? 
_refine.pdbx_overall_SU_R_Blow_DPI               ? 
_refine.pdbx_TLS_residual_ADP_flag               ? 
_refine.pdbx_diffrn_id                           1 
_refine.overall_SU_B                             ? 
_refine.overall_SU_ML                            0.0793 
_refine.overall_SU_R_Cruickshank_DPI             ? 
_refine.overall_SU_R_free                        ? 
_refine.overall_FOM_free_R_set                   ? 
_refine.overall_FOM_work_R_set                   ? 
_refine.pdbx_average_fsc_overall                 ? 
_refine.pdbx_average_fsc_work                    ? 
_refine.pdbx_average_fsc_free                    ? 
# 
_refine_hist.pdbx_refine_id                   'X-RAY DIFFRACTION' 
_refine_hist.cycle_id                         LAST 
_refine_hist.details                          ? 
_refine_hist.d_res_high                       0.81 
_refine_hist.d_res_low                        15.54 
_refine_hist.number_atoms_solvent             9 
_refine_hist.number_atoms_total               82 
_refine_hist.number_reflns_all                ? 
_refine_hist.number_reflns_obs                ? 
_refine_hist.number_reflns_R_free             ? 
_refine_hist.number_reflns_R_work             ? 
_refine_hist.R_factor_all                     ? 
_refine_hist.R_factor_obs                     ? 
_refine_hist.R_factor_R_free                  ? 
_refine_hist.R_factor_R_work                  ? 
_refine_hist.pdbx_number_residues_total       ? 
_refine_hist.pdbx_B_iso_mean_ligand           ? 
_refine_hist.pdbx_B_iso_mean_solvent          ? 
_refine_hist.pdbx_number_atoms_protein        68 
_refine_hist.pdbx_number_atoms_nucleic_acid   0 
_refine_hist.pdbx_number_atoms_ligand         5 
_refine_hist.pdbx_number_atoms_lipid          ? 
_refine_hist.pdbx_number_atoms_carb           ? 
_refine_hist.pdbx_pseudo_atom_details         ? 
# 
loop_
_refine_ls_restr.pdbx_refine_id 
_refine_ls_restr.criterion 
_refine_ls_restr.dev_ideal 
_refine_ls_restr.dev_ideal_target 
_refine_ls_restr.number 
_refine_ls_restr.rejects 
_refine_ls_restr.type 
_refine_ls_restr.weight 
_refine_ls_restr.pdbx_restraint_function 
'X-RAY DIFFRACTION' ? 0.0111  ? 154 ? f_bond_d           ? ? 
'X-RAY DIFFRACTION' ? 1.6861  ? 212 ? f_angle_d          ? ? 
'X-RAY DIFFRACTION' ? 0.0395  ? 23  ? f_chiral_restr     ? ? 
'X-RAY DIFFRACTION' ? 0.0073  ? 21  ? f_plane_restr      ? ? 
'X-RAY DIFFRACTION' ? 22.4553 ? 50  ? f_dihedral_angle_d ? ? 
# 
loop_
_refine_ls_shell.pdbx_refine_id 
_refine_ls_shell.d_res_high 
_refine_ls_shell.d_res_low 
_refine_ls_shell.number_reflns_all 
_refine_ls_shell.number_reflns_obs 
_refine_ls_shell.number_reflns_R_free 
_refine_ls_shell.number_reflns_R_work 
_refine_ls_shell.percent_reflns_obs 
_refine_ls_shell.percent_reflns_R_free 
_refine_ls_shell.R_factor_all 
_refine_ls_shell.R_factor_obs 
_refine_ls_shell.R_factor_R_free_error 
_refine_ls_shell.R_factor_R_work 
_refine_ls_shell.redundancy_reflns_all 
_refine_ls_shell.redundancy_reflns_obs 
_refine_ls_shell.wR_factor_all 
_refine_ls_shell.wR_factor_obs 
_refine_ls_shell.wR_factor_R_free 
_refine_ls_shell.wR_factor_R_work 
_refine_ls_shell.pdbx_R_complete 
_refine_ls_shell.pdbx_total_number_of_bins_used 
_refine_ls_shell.pdbx_phase_error 
_refine_ls_shell.pdbx_fsc_work 
_refine_ls_shell.pdbx_fsc_free 
_refine_ls_shell.R_factor_R_free 
'X-RAY DIFFRACTION' 0.81 0.84  . . 138 1227 96.81  . . . . 0.2541 . . . . . . . . . . . 0.2955 
'X-RAY DIFFRACTION' 0.84 0.88  . . 139 1241 99.35  . . . . 0.2198 . . . . . . . . . . . 0.2163 
'X-RAY DIFFRACTION' 0.88 0.93  . . 141 1250 100.00 . . . . 0.1772 . . . . . . . . . . . 0.2019 
'X-RAY DIFFRACTION' 0.93 0.99  . . 142 1268 100.00 . . . . 0.1331 . . . . . . . . . . . 0.1767 
'X-RAY DIFFRACTION' 0.99 1.06  . . 135 1241 100.00 . . . . 0.1275 . . . . . . . . . . . 0.1540 
'X-RAY DIFFRACTION' 1.06 1.17  . . 141 1256 100.00 . . . . 0.1183 . . . . . . . . . . . 0.1347 
'X-RAY DIFFRACTION' 1.17 1.34  . . 142 1250 100.00 . . . . 0.1220 . . . . . . . . . . . 0.1335 
'X-RAY DIFFRACTION' 1.34 1.68  . . 140 1245 99.64  . . . . 0.1388 . . . . . . . . . . . 0.1945 
'X-RAY DIFFRACTION' 1.68 15.54 . . 144 1256 99.86  . . . . 0.1446 . . . . . . . . . . . 0.1349 
# 
_struct.entry_id                     9MDB 
_struct.title                        'Co-MAHF-9 A8V Metal Alpha-Helix Framework' 
_struct.pdbx_model_details           ? 
_struct.pdbx_formula_weight          ? 
_struct.pdbx_formula_weight_method   ? 
_struct.pdbx_model_type_details      ? 
_struct.pdbx_CASP_flag               N 
# 
_struct_keywords.entry_id        9MDB 
_struct_keywords.text            'synthetic construct, DE NOVO PROTEIN' 
_struct_keywords.pdbx_keywords   'DE NOVO PROTEIN' 
# 
loop_
_struct_asym.id 
_struct_asym.pdbx_blank_PDB_chainid_flag 
_struct_asym.pdbx_modified 
_struct_asym.entity_id 
_struct_asym.details 
A N N 1 ? 
B N N 2 ? 
C N N 3 ? 
# 
_struct_ref.id                         1 
_struct_ref.db_name                    PDB 
_struct_ref.db_code                    9MDB 
_struct_ref.pdbx_db_accession          9MDB 
_struct_ref.pdbx_db_isoform            ? 
_struct_ref.entity_id                  1 
_struct_ref.pdbx_seq_one_letter_code   ? 
_struct_ref.pdbx_align_begin           1 
# 
_struct_ref_seq.align_id                      1 
_struct_ref_seq.ref_id                        1 
_struct_ref_seq.pdbx_PDB_id_code              9MDB 
_struct_ref_seq.pdbx_strand_id                A 
_struct_ref_seq.seq_align_beg                 1 
_struct_ref_seq.pdbx_seq_align_beg_ins_code   ? 
_struct_ref_seq.seq_align_end                 11 
_struct_ref_seq.pdbx_seq_align_end_ins_code   ? 
_struct_ref_seq.pdbx_db_accession             9MDB 
_struct_ref_seq.db_align_beg                  1 
_struct_ref_seq.pdbx_db_align_beg_ins_code    ? 
_struct_ref_seq.db_align_end                  11 
_struct_ref_seq.pdbx_db_align_end_ins_code    ? 
_struct_ref_seq.pdbx_auth_seq_align_beg       1 
_struct_ref_seq.pdbx_auth_seq_align_end       11 
# 
_pdbx_struct_assembly.id                   1 
_pdbx_struct_assembly.details              author_defined_assembly 
_pdbx_struct_assembly.method_details       ? 
_pdbx_struct_assembly.oligomeric_details   monomeric 
_pdbx_struct_assembly.oligomeric_count     1 
# 
_pdbx_struct_assembly_gen.assembly_id       1 
_pdbx_struct_assembly_gen.oper_expression   1 
_pdbx_struct_assembly_gen.asym_id_list      A,B,C 
# 
_pdbx_struct_assembly_auth_evidence.id                     1 
_pdbx_struct_assembly_auth_evidence.assembly_id            1 
_pdbx_struct_assembly_auth_evidence.experimental_support   none 
_pdbx_struct_assembly_auth_evidence.details                ? 
# 
_pdbx_struct_oper_list.id                   1 
_pdbx_struct_oper_list.type                 'identity operation' 
_pdbx_struct_oper_list.name                 1_555 
_pdbx_struct_oper_list.symmetry_operation   x,y,z 
_pdbx_struct_oper_list.matrix[1][1]         1.0000000000 
_pdbx_struct_oper_list.matrix[1][2]         0.0000000000 
_pdbx_struct_oper_list.matrix[1][3]         0.0000000000 
_pdbx_struct_oper_list.vector[1]            0.0000000000 
_pdbx_struct_oper_list.matrix[2][1]         0.0000000000 
_pdbx_struct_oper_list.matrix[2][2]         1.0000000000 
_pdbx_struct_oper_list.matrix[2][3]         0.0000000000 
_pdbx_struct_oper_list.vector[2]            0.0000000000 
_pdbx_struct_oper_list.matrix[3][1]         0.0000000000 
_pdbx_struct_oper_list.matrix[3][2]         0.0000000000 
_pdbx_struct_oper_list.matrix[3][3]         1.0000000000 
_pdbx_struct_oper_list.vector[3]            0.0000000000 
# 
_struct_conf.conf_type_id            HELX_P 
_struct_conf.id                      HELX_P1 
_struct_conf.pdbx_PDB_helix_id       AA1 
_struct_conf.beg_label_comp_id       LEU 
_struct_conf.beg_label_asym_id       A 
_struct_conf.beg_label_seq_id        2 
_struct_conf.pdbx_beg_PDB_ins_code   ? 
_struct_conf.end_label_comp_id       LEU 
_struct_conf.end_label_asym_id       A 
_struct_conf.end_label_seq_id        10 
_struct_conf.pdbx_end_PDB_ins_code   ? 
_struct_conf.beg_auth_comp_id        LEU 
_struct_conf.beg_auth_asym_id        A 
_struct_conf.beg_auth_seq_id         2 
_struct_conf.end_auth_comp_id        LEU 
_struct_conf.end_auth_asym_id        A 
_struct_conf.end_auth_seq_id         10 
_struct_conf.pdbx_PDB_helix_class    1 
_struct_conf.details                 ? 
_struct_conf.pdbx_PDB_helix_length   9 
# 
_struct_conf_type.id          HELX_P 
_struct_conf_type.criteria    ? 
_struct_conf_type.reference   ? 
# 
loop_
_struct_conn.id 
_struct_conn.conn_type_id 
_struct_conn.pdbx_leaving_atom_flag 
_struct_conn.pdbx_PDB_id 
_struct_conn.ptnr1_label_asym_id 
_struct_conn.ptnr1_label_comp_id 
_struct_conn.ptnr1_label_seq_id 
_struct_conn.ptnr1_label_atom_id 
_struct_conn.pdbx_ptnr1_label_alt_id 
_struct_conn.pdbx_ptnr1_PDB_ins_code 
_struct_conn.pdbx_ptnr1_standard_comp_id 
_struct_conn.ptnr1_symmetry 
_struct_conn.ptnr2_label_asym_id 
_struct_conn.ptnr2_label_comp_id 
_struct_conn.ptnr2_label_seq_id 
_struct_conn.ptnr2_label_atom_id 
_struct_conn.pdbx_ptnr2_label_alt_id 
_struct_conn.pdbx_ptnr2_PDB_ins_code 
_struct_conn.ptnr1_auth_asym_id 
_struct_conn.ptnr1_auth_comp_id 
_struct_conn.ptnr1_auth_seq_id 
_struct_conn.ptnr2_auth_asym_id 
_struct_conn.ptnr2_auth_comp_id 
_struct_conn.ptnr2_auth_seq_id 
_struct_conn.ptnr2_symmetry 
_struct_conn.pdbx_ptnr3_label_atom_id 
_struct_conn.pdbx_ptnr3_label_seq_id 
_struct_conn.pdbx_ptnr3_label_comp_id 
_struct_conn.pdbx_ptnr3_label_asym_id 
_struct_conn.pdbx_ptnr3_label_alt_id 
_struct_conn.pdbx_ptnr3_PDB_ins_code 
_struct_conn.details 
_struct_conn.pdbx_dist_value 
_struct_conn.pdbx_value_order 
_struct_conn.pdbx_role 
covale1  covale both ? A ACE 1  C   A ? ? 1_555 A LEU 2  N  A ? A ACE 1  A LEU 2   1_555 ? ? ? ? ? ? ? 1.428 ? ? 
covale2  covale both ? A ACE 1  C   B ? ? 1_555 A LEU 2  N  B ? A ACE 1  A LEU 2   1_555 ? ? ? ? ? ? ? 1.426 ? ? 
covale3  covale both ? A LEU 2  C   A ? ? 1_555 A AIB 3  N  A ? A LEU 2  A AIB 3   1_555 ? ? ? ? ? ? ? 1.327 ? ? 
covale4  covale both ? A LEU 2  C   B ? ? 1_555 A AIB 3  N  B ? A LEU 2  A AIB 3   1_555 ? ? ? ? ? ? ? 1.329 ? ? 
covale5  covale both ? A AIB 3  C   A ? ? 1_555 A GLU 4  N  A ? A AIB 3  A GLU 4   1_555 ? ? ? ? ? ? ? 1.343 ? ? 
covale6  covale both ? A AIB 3  C   B ? ? 1_555 A GLU 4  N  B ? A AIB 3  A GLU 4   1_555 ? ? ? ? ? ? ? 1.329 ? ? 
covale7  covale both ? A GLU 4  C   A ? ? 1_555 A AIB 5  N  A ? A GLU 4  A AIB 5   1_555 ? ? ? ? ? ? ? 1.319 ? ? 
covale8  covale both ? A GLU 4  C   B ? ? 1_555 A AIB 5  N  B ? A GLU 4  A AIB 5   1_555 ? ? ? ? ? ? ? 1.332 ? ? 
covale9  covale both ? A AIB 5  C   A ? ? 1_555 A LEU 6  N  A ? A AIB 5  A LEU 6   1_555 ? ? ? ? ? ? ? 1.329 ? ? 
covale10 covale both ? A AIB 5  C   B ? ? 1_555 A LEU 6  N  B ? A AIB 5  A LEU 6   1_555 ? ? ? ? ? ? ? 1.334 ? ? 
covale11 covale both ? A VAL 8  C   A ? ? 1_555 A AIB 9  N  A ? A VAL 8  A AIB 9   1_555 ? ? ? ? ? ? ? 1.330 ? ? 
covale12 covale both ? A VAL 8  C   B ? ? 1_555 A AIB 9  N  B ? A VAL 8  A AIB 9   1_555 ? ? ? ? ? ? ? 1.325 ? ? 
covale13 covale both ? A AIB 9  C   A ? ? 1_555 A LEU 10 N  A ? A AIB 9  A LEU 10  1_555 ? ? ? ? ? ? ? 1.328 ? ? 
covale14 covale both ? A AIB 9  C   B ? ? 1_555 A LEU 10 N  B ? A AIB 9  A LEU 10  1_555 ? ? ? ? ? ? ? 1.331 ? ? 
covale15 covale both ? A LEU 10 C   A ? ? 1_555 A NH2 11 N  A ? A LEU 10 A NH2 11  1_555 ? ? ? ? ? ? ? 1.428 ? ? 
covale16 covale both ? A LEU 10 C   B ? ? 1_555 A NH2 11 N  B ? A LEU 10 A NH2 11  1_555 ? ? ? ? ? ? ? 1.429 ? ? 
metalc1  metalc ?    ? A GLU 4  OE2 A ? ? 1_555 B CO  .  CO ? ? A GLU 4  A CO  101 1_655 ? ? ? ? ? ? ? 1.973 ? ? 
metalc2  metalc ?    ? A HIS 7  NE2 A ? ? 1_555 B CO  .  CO ? ? A HIS 7  A CO  101 1_555 ? ? ? ? ? ? ? 2.105 ? ? 
metalc3  metalc ?    ? A HIS 7  NE2 A ? ? 1_555 B CO  .  CO ? ? A HIS 7  A CO  101 3_355 ? ? ? ? ? ? ? 2.105 ? ? 
# 
loop_
_struct_conn_type.id 
_struct_conn_type.criteria 
_struct_conn_type.reference 
covale ? ? 
metalc ? ? 
# 
loop_
_pdbx_struct_conn_angle.id 
_pdbx_struct_conn_angle.ptnr1_label_atom_id 
_pdbx_struct_conn_angle.ptnr1_label_alt_id 
_pdbx_struct_conn_angle.ptnr1_label_asym_id 
_pdbx_struct_conn_angle.ptnr1_label_comp_id 
_pdbx_struct_conn_angle.ptnr1_label_seq_id 
_pdbx_struct_conn_angle.ptnr1_auth_atom_id 
_pdbx_struct_conn_angle.ptnr1_auth_asym_id 
_pdbx_struct_conn_angle.ptnr1_auth_comp_id 
_pdbx_struct_conn_angle.ptnr1_auth_seq_id 
_pdbx_struct_conn_angle.ptnr1_PDB_ins_code 
_pdbx_struct_conn_angle.ptnr1_symmetry 
_pdbx_struct_conn_angle.ptnr2_label_atom_id 
_pdbx_struct_conn_angle.ptnr2_label_alt_id 
_pdbx_struct_conn_angle.ptnr2_label_asym_id 
_pdbx_struct_conn_angle.ptnr2_label_comp_id 
_pdbx_struct_conn_angle.ptnr2_label_seq_id 
_pdbx_struct_conn_angle.ptnr2_auth_atom_id 
_pdbx_struct_conn_angle.ptnr2_auth_asym_id 
_pdbx_struct_conn_angle.ptnr2_auth_comp_id 
_pdbx_struct_conn_angle.ptnr2_auth_seq_id 
_pdbx_struct_conn_angle.ptnr2_PDB_ins_code 
_pdbx_struct_conn_angle.ptnr2_symmetry 
_pdbx_struct_conn_angle.ptnr3_label_atom_id 
_pdbx_struct_conn_angle.ptnr3_label_alt_id 
_pdbx_struct_conn_angle.ptnr3_label_asym_id 
_pdbx_struct_conn_angle.ptnr3_label_comp_id 
_pdbx_struct_conn_angle.ptnr3_label_seq_id 
_pdbx_struct_conn_angle.ptnr3_auth_atom_id 
_pdbx_struct_conn_angle.ptnr3_auth_asym_id 
_pdbx_struct_conn_angle.ptnr3_auth_comp_id 
_pdbx_struct_conn_angle.ptnr3_auth_seq_id 
_pdbx_struct_conn_angle.ptnr3_PDB_ins_code 
_pdbx_struct_conn_angle.ptnr3_symmetry 
_pdbx_struct_conn_angle.value 
_pdbx_struct_conn_angle.value_esd 
1 OE2 A A GLU 4 ? A GLU 4 ? 1_555 CO ? B CO . ? A CO 101 ? 1_655 NE2 A A HIS 7 ? A HIS 7 ? 1_555 78.6 ? 
2 OE2 A A GLU 4 ? A GLU 4 ? 1_555 CO ? B CO . ? A CO 101 ? 1_655 NE2 A A HIS 7 ? A HIS 7 ? 1_555 78.6 ? 
3 NE2 A A HIS 7 ? A HIS 7 ? 1_555 CO ? B CO . ? A CO 101 ? 1_655 NE2 A A HIS 7 ? A HIS 7 ? 1_555 0.0  ? 
# 
loop_
_pdbx_modification_feature.ordinal 
_pdbx_modification_feature.label_comp_id 
_pdbx_modification_feature.label_asym_id 
_pdbx_modification_feature.label_seq_id 
_pdbx_modification_feature.label_alt_id 
_pdbx_modification_feature.modified_residue_label_comp_id 
_pdbx_modification_feature.modified_residue_label_asym_id 
_pdbx_modification_feature.modified_residue_label_seq_id 
_pdbx_modification_feature.modified_residue_label_alt_id 
_pdbx_modification_feature.auth_comp_id 
_pdbx_modification_feature.auth_asym_id 
_pdbx_modification_feature.auth_seq_id 
_pdbx_modification_feature.PDB_ins_code 
_pdbx_modification_feature.symmetry 
_pdbx_modification_feature.modified_residue_auth_comp_id 
_pdbx_modification_feature.modified_residue_auth_asym_id 
_pdbx_modification_feature.modified_residue_auth_seq_id 
_pdbx_modification_feature.modified_residue_PDB_ins_code 
_pdbx_modification_feature.modified_residue_symmetry 
_pdbx_modification_feature.comp_id_linking_atom 
_pdbx_modification_feature.modified_residue_id_linking_atom 
_pdbx_modification_feature.modified_residue_id 
_pdbx_modification_feature.ref_pcm_id 
_pdbx_modification_feature.ref_comp_id 
_pdbx_modification_feature.type 
_pdbx_modification_feature.category 
1  AIB A 3  A .   . .  . AIB A 3  ? 1_555 .   . .  . .     . . ALA 1  AIB Methylation 'Named protein modification' 
2  AIB A 3  B .   . .  . AIB A 3  ? 1_555 .   . .  . .     . . ALA 1  AIB Methylation 'Named protein modification' 
3  AIB A 5  A .   . .  . AIB A 5  ? 1_555 .   . .  . .     . . ALA 1  AIB Methylation 'Named protein modification' 
4  AIB A 5  B .   . .  . AIB A 5  ? 1_555 .   . .  . .     . . ALA 1  AIB Methylation 'Named protein modification' 
5  AIB A 9  A .   . .  . AIB A 9  ? 1_555 .   . .  . .     . . ALA 1  AIB Methylation 'Named protein modification' 
6  AIB A 9  B .   . .  . AIB A 9  ? 1_555 .   . .  . .     . . ALA 1  AIB Methylation 'Named protein modification' 
7  ACE A 1  A LEU A 2  A ACE A 1  ? 1_555 LEU A 2  ? 1_555 . . LEU 14 ACE None        'Terminal acetylation'       
8  ACE A 1  B LEU A 2  B ACE A 1  ? 1_555 LEU A 2  ? 1_555 . . LEU 14 ACE None        'Terminal acetylation'       
9  NH2 A 11 A LEU A 10 A NH2 A 11 ? 1_555 LEU A 10 ? 1_555 . . LEU 14 NH2 None        'Terminal amidation'         
10 NH2 A 11 B LEU A 10 B NH2 A 11 ? 1_555 LEU A 10 ? 1_555 . . LEU 14 NH2 None        'Terminal amidation'         
# 
_pdbx_entry_details.entry_id                   9MDB 
_pdbx_entry_details.nonpolymer_details         ? 
_pdbx_entry_details.sequence_details           ? 
_pdbx_entry_details.compound_details           ? 
_pdbx_entry_details.source_details             ? 
_pdbx_entry_details.has_ligand_of_interest     N 
_pdbx_entry_details.has_protein_modification   Y 
# 
loop_
_pdbx_struct_special_symmetry.id 
_pdbx_struct_special_symmetry.PDB_model_num 
_pdbx_struct_special_symmetry.auth_asym_id 
_pdbx_struct_special_symmetry.auth_comp_id 
_pdbx_struct_special_symmetry.auth_seq_id 
_pdbx_struct_special_symmetry.PDB_ins_code 
_pdbx_struct_special_symmetry.label_asym_id 
_pdbx_struct_special_symmetry.label_comp_id 
_pdbx_struct_special_symmetry.label_seq_id 
1 1 A CO  101 ? B CO  . 
2 1 A HOH 203 ? C HOH . 
3 1 A HOH 205 ? C HOH . 
4 1 A HOH 207 ? C HOH . 
# 
loop_
_space_group_symop.id 
_space_group_symop.operation_xyz 
1 x,y,z               
2 x,-y,-z             
3 -x,y,-z+1/2         
4 -x,-y,z+1/2         
5 x+1/2,y+1/2,z       
6 x+1/2,-y+1/2,-z     
7 -x+1/2,y+1/2,-z+1/2 
8 -x+1/2,-y+1/2,z+1/2 
# 
_pdbx_distant_solvent_atoms.id                                1 
_pdbx_distant_solvent_atoms.PDB_model_num                     1 
_pdbx_distant_solvent_atoms.auth_atom_id                      O 
_pdbx_distant_solvent_atoms.label_alt_id                      A 
_pdbx_distant_solvent_atoms.auth_asym_id                      A 
_pdbx_distant_solvent_atoms.auth_comp_id                      HOH 
_pdbx_distant_solvent_atoms.auth_seq_id                       209 
_pdbx_distant_solvent_atoms.PDB_ins_code                      ? 
_pdbx_distant_solvent_atoms.neighbor_macromolecule_distance   6.09 
_pdbx_distant_solvent_atoms.neighbor_ligand_distance          . 
# 
loop_
_chem_comp_atom.comp_id 
_chem_comp_atom.atom_id 
_chem_comp_atom.type_symbol 
_chem_comp_atom.pdbx_aromatic_flag 
_chem_comp_atom.pdbx_stereo_config 
_chem_comp_atom.pdbx_ordinal 
ACE C    C  N N 1   
ACE O    O  N N 2   
ACE CH3  C  N N 3   
ACE H    H  N N 4   
ACE H1   H  N N 5   
ACE H2   H  N N 6   
ACE H3   H  N N 7   
AIB N    N  N N 8   
AIB CA   C  N N 9   
AIB C    C  N N 10  
AIB O    O  N N 11  
AIB OXT  O  N N 12  
AIB CB1  C  N N 13  
AIB CB2  C  N N 14  
AIB H    H  N N 15  
AIB H2   H  N N 16  
AIB HXT  H  N N 17  
AIB HB11 H  N N 18  
AIB HB12 H  N N 19  
AIB HB13 H  N N 20  
AIB HB21 H  N N 21  
AIB HB22 H  N N 22  
AIB HB23 H  N N 23  
CO  CO   CO N N 24  
GLU N    N  N N 25  
GLU CA   C  N S 26  
GLU C    C  N N 27  
GLU O    O  N N 28  
GLU CB   C  N N 29  
GLU CG   C  N N 30  
GLU CD   C  N N 31  
GLU OE1  O  N N 32  
GLU OE2  O  N N 33  
GLU OXT  O  N N 34  
GLU H    H  N N 35  
GLU H2   H  N N 36  
GLU HA   H  N N 37  
GLU HB2  H  N N 38  
GLU HB3  H  N N 39  
GLU HG2  H  N N 40  
GLU HG3  H  N N 41  
GLU HE2  H  N N 42  
GLU HXT  H  N N 43  
HIS N    N  N N 44  
HIS CA   C  N S 45  
HIS C    C  N N 46  
HIS O    O  N N 47  
HIS CB   C  N N 48  
HIS CG   C  Y N 49  
HIS ND1  N  Y N 50  
HIS CD2  C  Y N 51  
HIS CE1  C  Y N 52  
HIS NE2  N  Y N 53  
HIS OXT  O  N N 54  
HIS H    H  N N 55  
HIS H2   H  N N 56  
HIS HA   H  N N 57  
HIS HB2  H  N N 58  
HIS HB3  H  N N 59  
HIS HD1  H  N N 60  
HIS HD2  H  N N 61  
HIS HE1  H  N N 62  
HIS HE2  H  N N 63  
HIS HXT  H  N N 64  
HOH O    O  N N 65  
HOH H1   H  N N 66  
HOH H2   H  N N 67  
LEU N    N  N N 68  
LEU CA   C  N S 69  
LEU C    C  N N 70  
LEU O    O  N N 71  
LEU CB   C  N N 72  
LEU CG   C  N N 73  
LEU CD1  C  N N 74  
LEU CD2  C  N N 75  
LEU OXT  O  N N 76  
LEU H    H  N N 77  
LEU H2   H  N N 78  
LEU HA   H  N N 79  
LEU HB2  H  N N 80  
LEU HB3  H  N N 81  
LEU HG   H  N N 82  
LEU HD11 H  N N 83  
LEU HD12 H  N N 84  
LEU HD13 H  N N 85  
LEU HD21 H  N N 86  
LEU HD22 H  N N 87  
LEU HD23 H  N N 88  
LEU HXT  H  N N 89  
NH2 N    N  N N 90  
NH2 HN1  H  N N 91  
NH2 HN2  H  N N 92  
VAL N    N  N N 93  
VAL CA   C  N S 94  
VAL C    C  N N 95  
VAL O    O  N N 96  
VAL CB   C  N N 97  
VAL CG1  C  N N 98  
VAL CG2  C  N N 99  
VAL OXT  O  N N 100 
VAL H    H  N N 101 
VAL H2   H  N N 102 
VAL HA   H  N N 103 
VAL HB   H  N N 104 
VAL HG11 H  N N 105 
VAL HG12 H  N N 106 
VAL HG13 H  N N 107 
VAL HG21 H  N N 108 
VAL HG22 H  N N 109 
VAL HG23 H  N N 110 
VAL HXT  H  N N 111 
# 
loop_
_chem_comp_bond.comp_id 
_chem_comp_bond.atom_id_1 
_chem_comp_bond.atom_id_2 
_chem_comp_bond.value_order 
_chem_comp_bond.pdbx_aromatic_flag 
_chem_comp_bond.pdbx_stereo_config 
_chem_comp_bond.pdbx_ordinal 
ACE C   O    doub N N 1   
ACE C   CH3  sing N N 2   
ACE C   H    sing N N 3   
ACE CH3 H1   sing N N 4   
ACE CH3 H2   sing N N 5   
ACE CH3 H3   sing N N 6   
AIB N   CA   sing N N 7   
AIB N   H    sing N N 8   
AIB N   H2   sing N N 9   
AIB CA  C    sing N N 10  
AIB CA  CB1  sing N N 11  
AIB CA  CB2  sing N N 12  
AIB C   O    doub N N 13  
AIB C   OXT  sing N N 14  
AIB OXT HXT  sing N N 15  
AIB CB1 HB11 sing N N 16  
AIB CB1 HB12 sing N N 17  
AIB CB1 HB13 sing N N 18  
AIB CB2 HB21 sing N N 19  
AIB CB2 HB22 sing N N 20  
AIB CB2 HB23 sing N N 21  
GLU N   CA   sing N N 22  
GLU N   H    sing N N 23  
GLU N   H2   sing N N 24  
GLU CA  C    sing N N 25  
GLU CA  CB   sing N N 26  
GLU CA  HA   sing N N 27  
GLU C   O    doub N N 28  
GLU C   OXT  sing N N 29  
GLU CB  CG   sing N N 30  
GLU CB  HB2  sing N N 31  
GLU CB  HB3  sing N N 32  
GLU CG  CD   sing N N 33  
GLU CG  HG2  sing N N 34  
GLU CG  HG3  sing N N 35  
GLU CD  OE1  doub N N 36  
GLU CD  OE2  sing N N 37  
GLU OE2 HE2  sing N N 38  
GLU OXT HXT  sing N N 39  
HIS N   CA   sing N N 40  
HIS N   H    sing N N 41  
HIS N   H2   sing N N 42  
HIS CA  C    sing N N 43  
HIS CA  CB   sing N N 44  
HIS CA  HA   sing N N 45  
HIS C   O    doub N N 46  
HIS C   OXT  sing N N 47  
HIS CB  CG   sing N N 48  
HIS CB  HB2  sing N N 49  
HIS CB  HB3  sing N N 50  
HIS CG  ND1  sing Y N 51  
HIS CG  CD2  doub Y N 52  
HIS ND1 CE1  doub Y N 53  
HIS ND1 HD1  sing N N 54  
HIS CD2 NE2  sing Y N 55  
HIS CD2 HD2  sing N N 56  
HIS CE1 NE2  sing Y N 57  
HIS CE1 HE1  sing N N 58  
HIS NE2 HE2  sing N N 59  
HIS OXT HXT  sing N N 60  
HOH O   H1   sing N N 61  
HOH O   H2   sing N N 62  
LEU N   CA   sing N N 63  
LEU N   H    sing N N 64  
LEU N   H2   sing N N 65  
LEU CA  C    sing N N 66  
LEU CA  CB   sing N N 67  
LEU CA  HA   sing N N 68  
LEU C   O    doub N N 69  
LEU C   OXT  sing N N 70  
LEU CB  CG   sing N N 71  
LEU CB  HB2  sing N N 72  
LEU CB  HB3  sing N N 73  
LEU CG  CD1  sing N N 74  
LEU CG  CD2  sing N N 75  
LEU CG  HG   sing N N 76  
LEU CD1 HD11 sing N N 77  
LEU CD1 HD12 sing N N 78  
LEU CD1 HD13 sing N N 79  
LEU CD2 HD21 sing N N 80  
LEU CD2 HD22 sing N N 81  
LEU CD2 HD23 sing N N 82  
LEU OXT HXT  sing N N 83  
NH2 N   HN1  sing N N 84  
NH2 N   HN2  sing N N 85  
VAL N   CA   sing N N 86  
VAL N   H    sing N N 87  
VAL N   H2   sing N N 88  
VAL CA  C    sing N N 89  
VAL CA  CB   sing N N 90  
VAL CA  HA   sing N N 91  
VAL C   O    doub N N 92  
VAL C   OXT  sing N N 93  
VAL CB  CG1  sing N N 94  
VAL CB  CG2  sing N N 95  
VAL CB  HB   sing N N 96  
VAL CG1 HG11 sing N N 97  
VAL CG1 HG12 sing N N 98  
VAL CG1 HG13 sing N N 99  
VAL CG2 HG21 sing N N 100 
VAL CG2 HG22 sing N N 101 
VAL CG2 HG23 sing N N 102 
VAL OXT HXT  sing N N 103 
# 
loop_
_pdbx_audit_support.funding_organization 
_pdbx_audit_support.country 
_pdbx_audit_support.grant_number 
_pdbx_audit_support.ordinal 
'National Institutes of Health/National Institute of General Medical Sciences (NIH/NIGMS)' 'United States' 1R35GM15479301    1 
'Department of Energy (DOE, United States)'                                                'United States' DE-AC02-06CH11357 2 
# 
_pdbx_initial_refinement_model.id               1 
_pdbx_initial_refinement_model.entity_id_list   ? 
_pdbx_initial_refinement_model.type             'experimental model' 
_pdbx_initial_refinement_model.source_name      PDB 
_pdbx_initial_refinement_model.accession_code   7TLS 
_pdbx_initial_refinement_model.details          ? 
# 
_space_group.name_H-M_alt     'C 2 2 21' 
_space_group.name_Hall        'C 2c 2' 
_space_group.IT_number        20 
_space_group.crystal_system   orthorhombic 
_space_group.id               1 
# 
_atom_sites.entry_id                    9MDB 
_atom_sites.Cartn_transf_matrix[1][1]   ? 
_atom_sites.Cartn_transf_matrix[1][2]   ? 
_atom_sites.Cartn_transf_matrix[1][3]   ? 
_atom_sites.Cartn_transf_matrix[2][1]   ? 
_atom_sites.Cartn_transf_matrix[2][2]   ? 
_atom_sites.Cartn_transf_matrix[2][3]   ? 
_atom_sites.Cartn_transf_matrix[3][1]   ? 
_atom_sites.Cartn_transf_matrix[3][2]   ? 
_atom_sites.Cartn_transf_matrix[3][3]   ? 
_atom_sites.Cartn_transf_vector[1]      ? 
_atom_sites.Cartn_transf_vector[2]      ? 
_atom_sites.Cartn_transf_vector[3]      ? 
_atom_sites.Cartn_transform_axes        ? 
_atom_sites.fract_transf_matrix[1][1]   -0.03073512 
_atom_sites.fract_transf_matrix[1][2]   0.06545390 
_atom_sites.fract_transf_matrix[1][3]   0.05792856 
_atom_sites.fract_transf_matrix[2][1]   -0.01808425 
_atom_sites.fract_transf_matrix[2][2]   -0.02189452 
_atom_sites.fract_transf_matrix[2][3]   0.01514382 
_atom_sites.fract_transf_matrix[3][1]   0.01998603 
_atom_sites.fract_transf_matrix[3][2]   -0.00514920 
_atom_sites.fract_transf_matrix[3][3]   0.01642209 
_atom_sites.fract_transf_vector[1]      -0.422734 
_atom_sites.fract_transf_vector[2]      -0.066302 
_atom_sites.fract_transf_vector[3]      0.115205 
_atom_sites.solution_primary            ? 
_atom_sites.solution_secondary          ? 
_atom_sites.solution_hydrogens          ? 
_atom_sites.special_details             ? 
# 
loop_
_atom_type.symbol 
_atom_type.scat_dispersion_real 
_atom_type.scat_dispersion_imag 
_atom_type.scat_Cromer_Mann_a1 
_atom_type.scat_Cromer_Mann_a2 
_atom_type.scat_Cromer_Mann_a3 
_atom_type.scat_Cromer_Mann_a4 
_atom_type.scat_Cromer_Mann_b1 
_atom_type.scat_Cromer_Mann_b2 
_atom_type.scat_Cromer_Mann_b3 
_atom_type.scat_Cromer_Mann_b4 
_atom_type.scat_Cromer_Mann_c 
_atom_type.scat_source 
_atom_type.scat_dispersion_source 
C  ? ? 2.51340  1.74867 1.72398 ? 31.80534 0.44561  10.58317 ? 0.0 
;3-Gaussian fit: Grosse-Kunstleve RW, Sauter NK, Adams PD: Newsletter of the IUCr Commission on Crystallographic Computing 2004, 3, 22-31.
;
? 
CO ? ? 14.25116 9.13684 3.55259 ? 5.36759  0.30544  48.44770 ? 0.0 
;3-Gaussian fit: Grosse-Kunstleve RW, Sauter NK, Adams PD: Newsletter of the IUCr Commission on Crystallographic Computing 2004, 3, 22-31.
;
? 
H  ? ? 0.53795  0.34799 0.11320 ? 10.08003 29.74760 2.57510  ? 0.0 
;3-Gaussian fit: Grosse-Kunstleve RW, Sauter NK, Adams PD: Newsletter of the IUCr Commission on Crystallographic Computing 2004, 3, 22-31.
;
? 
N  ? ? 2.99955  2.25584 1.72788 ? 23.27268 7.45433  0.31622  ? 0.0 
;3-Gaussian fit: Grosse-Kunstleve RW, Sauter NK, Adams PD: Newsletter of the IUCr Commission on Crystallographic Computing 2004, 3, 22-31.
;
? 
O  ? ? 3.21184  3.04156 1.73156 ? 18.83700 5.90590  0.24126  ? 0.0 
;3-Gaussian fit: Grosse-Kunstleve RW, Sauter NK, Adams PD: Newsletter of the IUCr Commission on Crystallographic Computing 2004, 3, 22-31.
;
? 
# 
loop_
_atom_site.group_PDB 
_atom_site.id 
_atom_site.type_symbol 
_atom_site.label_atom_id 
_atom_site.label_alt_id 
_atom_site.label_comp_id 
_atom_site.label_asym_id 
_atom_site.label_entity_id 
_atom_site.label_seq_id 
_atom_site.pdbx_PDB_ins_code 
_atom_site.Cartn_x 
_atom_site.Cartn_y 
_atom_site.Cartn_z 
_atom_site.occupancy 
_atom_site.B_iso_or_equiv 
_atom_site.pdbx_formal_charge 
_atom_site.auth_seq_id 
_atom_site.auth_comp_id 
_atom_site.auth_asym_id 
_atom_site.auth_atom_id 
_atom_site.pdbx_PDB_model_num 
HETATM 1   C  C    A ACE A 1 1  ? 3.62035  3.98099  -4.15507 0.240 4.74794  ? 1   ACE A C    1 
HETATM 2   C  C    B ACE A 1 1  ? 3.17043  4.04267  -4.45867 0.760 5.79280  ? 1   ACE A C    1 
HETATM 3   O  O    A ACE A 1 1  ? 2.94813  3.79341  -3.08261 0.240 5.21905  ? 1   ACE A O    1 
HETATM 4   O  O    B ACE A 1 1  ? 2.45569  3.77057  -3.43804 0.760 5.84807  ? 1   ACE A O    1 
HETATM 5   C  CH3  A ACE A 1 1  ? 4.57419  5.16551  -4.09169 0.240 4.56000  ? 1   ACE A CH3  1 
HETATM 6   C  CH3  B ACE A 1 1  ? 3.98276  5.32680  -4.39901 0.760 6.70000  ? 1   ACE A CH3  1 
HETATM 7   H  H1   A ACE A 1 1  ? 5.45514  4.87721  -3.80716 0.240 5.47000  ? 1   ACE A H1   1 
HETATM 8   H  H1   B ACE A 1 1  ? 4.79783  5.19116  -3.89167 0.760 8.04000  ? 1   ACE A H1   1 
HETATM 9   H  H2   A ACE A 1 1  ? 4.25102  5.82904  -3.46304 0.240 5.47000  ? 1   ACE A H2   1 
HETATM 10  H  H2   B ACE A 1 1  ? 3.47108  6.03264  -3.97255 0.760 8.04000  ? 1   ACE A H2   1 
HETATM 11  H  H3   A ACE A 1 1  ? 4.65528  5.58317  -4.96364 0.240 5.47000  ? 1   ACE A H3   1 
HETATM 12  H  H3   B ACE A 1 1  ? 4.22207  5.61962  -5.29225 0.760 8.04000  ? 1   ACE A H3   1 
ATOM   13  N  N    A LEU A 1 2  ? 3.20134  3.36285  -5.37275 0.590 4.91638  ? 2   LEU A N    1 
ATOM   14  N  N    B LEU A 1 2  ? 3.41435  3.14493  -5.53971 0.410 5.46644  ? 2   LEU A N    1 
ATOM   15  C  CA   A LEU A 1 2  ? 2.35156  2.20802  -5.58559 0.590 5.02692  ? 2   LEU A CA   1 
ATOM   16  C  CA   B LEU A 1 2  ? 2.50171  2.02139  -5.63573 0.410 6.05336  ? 2   LEU A CA   1 
ATOM   17  C  C    A LEU A 1 2  ? 2.51355  1.20495  -4.44943 0.590 4.45580  ? 2   LEU A C    1 
ATOM   18  C  C    B LEU A 1 2  ? 2.63619  1.07696  -4.44127 0.410 6.14021  ? 2   LEU A C    1 
ATOM   19  O  O    A LEU A 1 2  ? 1.53613  0.72545  -3.88082 0.590 4.49001  ? 2   LEU A O    1 
ATOM   20  O  O    B LEU A 1 2  ? 1.64345  0.72403  -3.80148 0.410 5.78490  ? 2   LEU A O    1 
ATOM   21  C  CB   A LEU A 1 2  ? 2.70910  1.55922  -6.92120 0.590 5.61120  ? 2   LEU A CB   1 
ATOM   22  C  CB   B LEU A 1 2  ? 2.75941  1.28402  -6.94023 0.410 6.26917  ? 2   LEU A CB   1 
ATOM   23  C  CG   A LEU A 1 2  ? 1.93154  0.31027  -7.30926 0.590 6.63501  ? 2   LEU A CG   1 
ATOM   24  C  CG   B LEU A 1 2  ? 1.89939  0.06152  -7.21000 0.410 6.52710  ? 2   LEU A CG   1 
ATOM   25  C  CD1  A LEU A 1 2  ? 0.44140  0.61735  -7.45681 0.590 8.14045  ? 2   LEU A CD1  1 
ATOM   26  C  CD1  B LEU A 1 2  ? 0.41864  0.41510  -7.23236 0.410 7.43510  ? 2   LEU A CD1  1 
ATOM   27  C  CD2  A LEU A 1 2  ? 2.50156  -0.24387 -8.59432 0.590 6.62711  ? 2   LEU A CD2  1 
ATOM   28  C  CD2  B LEU A 1 2  ? 2.31164  -0.54563 -8.52846 0.410 7.24824  ? 2   LEU A CD2  1 
ATOM   29  H  H    A LEU A 1 2  ? 3.40228  3.78627  -6.09323 0.240 5.90000  ? 2   LEU A H    1 
ATOM   30  H  H    B LEU A 1 2  ? 3.56067  3.54236  -6.28860 0.760 6.56000  ? 2   LEU A H    1 
ATOM   31  H  HA   A LEU A 1 2  ? 1.42018  2.47791  -5.61056 0.590 6.03000  ? 2   LEU A HA   1 
ATOM   32  H  HA   B LEU A 1 2  ? 1.58629  2.34152  -5.63063 0.410 7.27000  ? 2   LEU A HA   1 
ATOM   33  H  HB2  A LEU A 1 2  ? 2.55950  2.21447  -7.62099 0.590 6.73000  ? 2   LEU A HB2  1 
ATOM   34  H  HB2  B LEU A 1 2  ? 2.61026  1.90440  -7.67076 0.410 7.52000  ? 2   LEU A HB2  1 
ATOM   35  H  HB3  A LEU A 1 2  ? 3.64590  1.31252  -6.89235 0.590 6.73000  ? 2   LEU A HB3  1 
ATOM   36  H  HB3  B LEU A 1 2  ? 3.68366  0.98785  -6.94052 0.410 7.52000  ? 2   LEU A HB3  1 
ATOM   37  H  HG   A LEU A 1 2  ? 2.01352  -0.36013 -6.61224 0.590 7.96000  ? 2   LEU A HG   1 
ATOM   38  H  HG   B LEU A 1 2  ? 2.02661  -0.58420 -6.49766 0.410 7.83000  ? 2   LEU A HG   1 
ATOM   39  H  HD11 A LEU A 1 2  ? -0.01311 -0.17488 -7.78486 0.590 9.77000  ? 2   LEU A HD11 1 
ATOM   40  H  HD11 B LEU A 1 2  ? -0.09268 -0.38293 -7.43686 0.410 8.92000  ? 2   LEU A HD11 1 
ATOM   41  H  HD12 A LEU A 1 2  ? 0.08324  0.86862  -6.59042 0.590 9.77000  ? 2   LEU A HD12 1 
ATOM   42  H  HD12 B LEU A 1 2  ? 0.16250  0.75855  -6.36163 0.410 8.92000  ? 2   LEU A HD12 1 
ATOM   43  H  HD13 A LEU A 1 2  ? 0.33022  1.34766  -8.08507 0.590 9.77000  ? 2   LEU A HD13 1 
ATOM   44  H  HD13 B LEU A 1 2  ? 0.26486  1.08964  -7.91137 0.410 8.92000  ? 2   LEU A HD13 1 
ATOM   45  H  HD21 A LEU A 1 2  ? 1.92765  -0.95748 -8.91301 0.590 7.95000  ? 2   LEU A HD21 1 
ATOM   46  H  HD21 B LEU A 1 2  ? 1.69201  -1.25596 -8.75676 0.410 8.70000  ? 2   LEU A HD21 1 
ATOM   47  H  HD22 A LEU A 1 2  ? 2.54291  0.46676  -9.25377 0.590 7.95000  ? 2   LEU A HD22 1 
ATOM   48  H  HD22 B LEU A 1 2  ? 2.29341  0.14299  -9.21225 0.410 8.70000  ? 2   LEU A HD22 1 
ATOM   49  H  HD23 A LEU A 1 2  ? 3.39239  -0.58756 -8.42269 0.590 7.95000  ? 2   LEU A HD23 1 
ATOM   50  H  HD23 B LEU A 1 2  ? 3.20950  -0.90386 -8.44384 0.410 8.70000  ? 2   LEU A HD23 1 
HETATM 51  N  N    A AIB A 1 3  ? 3.75571  0.84179  -4.15417 0.550 4.72425  ? 3   AIB A N    1 
HETATM 52  N  N    B AIB A 1 3  ? 3.86083  0.63836  -4.16763 0.450 6.28496  ? 3   AIB A N    1 
HETATM 53  C  CA   A AIB A 1 3  ? 4.02634  -0.18484 -3.16886 0.550 6.14284  ? 3   AIB A CA   1 
HETATM 54  C  CA   B AIB A 1 3  ? 4.13250  -0.24105 -3.03623 0.450 5.98230  ? 3   AIB A CA   1 
HETATM 55  C  C    A AIB A 1 3  ? 3.44829  0.22069  -1.79374 0.550 6.24285  ? 3   AIB A C    1 
HETATM 56  C  C    B AIB A 1 3  ? 3.37983  0.20558  -1.77620 0.450 5.87702  ? 3   AIB A C    1 
HETATM 57  O  O    A AIB A 1 3  ? 2.81545  -0.56700 -1.10833 0.550 6.51394  ? 3   AIB A O    1 
HETATM 58  O  O    B AIB A 1 3  ? 2.63265  -0.50835 -1.12284 0.450 6.01388  ? 3   AIB A O    1 
HETATM 59  C  CB1  A AIB A 1 3  ? 3.39295  -1.52117 -3.61523 0.550 5.89544  ? 3   AIB A CB1  1 
HETATM 60  C  CB1  B AIB A 1 3  ? 3.68056  -1.66132 -3.33626 0.450 6.24549  ? 3   AIB A CB1  1 
HETATM 61  C  CB2  A AIB A 1 3  ? 5.55219  -0.37000 -3.03617 0.550 7.81409  ? 3   AIB A CB2  1 
HETATM 62  C  CB2  B AIB A 1 3  ? 5.63517  -0.25631 -2.69196 0.450 7.85621  ? 3   AIB A CB2  1 
HETATM 63  H  H    A AIB A 1 3  ? 4.56186  1.42032  -4.28897 0.590 5.67000  ? 3   AIB A H    1 
HETATM 64  H  H    B AIB A 1 3  ? 4.59633  0.56633  -4.84281 0.410 7.54000  ? 3   AIB A H    1 
HETATM 65  H  HB11 A AIB A 1 3  ? 3.70965  -1.75658 -4.65909 0.550 7.07000  ? 3   AIB A HB11 1 
HETATM 66  H  HB11 B AIB A 1 3  ? 4.27422  -2.07390 -4.18653 0.450 7.49000  ? 3   AIB A HB11 1 
HETATM 67  H  HB12 A AIB A 1 3  ? 2.28030  -1.44166 -3.57725 0.550 7.07000  ? 3   AIB A HB12 1 
HETATM 68  H  HB12 B AIB A 1 3  ? 2.59862  -1.66249 -3.60989 0.450 7.49000  ? 3   AIB A HB12 1 
HETATM 69  H  HB13 A AIB A 1 3  ? 3.72662  -2.34100 -2.93571 0.550 7.07000  ? 3   AIB A HB13 1 
HETATM 70  H  HB13 B AIB A 1 3  ? 3.83247  -2.30326 -2.43596 0.450 7.49000  ? 3   AIB A HB13 1 
HETATM 71  H  HB21 A AIB A 1 3  ? 5.75821  -1.18565 -2.30115 0.550 9.38000  ? 3   AIB A HB21 1 
HETATM 72  H  HB21 B AIB A 1 3  ? 5.79718  -0.90046 -1.79340 0.450 9.43000  ? 3   AIB A HB21 1 
HETATM 73  H  HB22 A AIB A 1 3  ? 6.00615  0.58562  -2.67870 0.550 9.38000  ? 3   AIB A HB22 1 
HETATM 74  H  HB22 B AIB A 1 3  ? 5.97109  0.78668  -2.47663 0.450 9.43000  ? 3   AIB A HB22 1 
HETATM 75  H  HB23 A AIB A 1 3  ? 5.97472  -0.64182 -4.03393 0.550 9.38000  ? 3   AIB A HB23 1 
HETATM 76  H  HB23 B AIB A 1 3  ? 6.20485  -0.66788 -3.56090 0.450 9.43000  ? 3   AIB A HB23 1 
ATOM   77  N  N    A GLU A 1 4  ? 3.68555  1.47438  -1.37461 0.580 6.27970  ? 4   GLU A N    1 
ATOM   78  N  N    B GLU A 1 4  ? 3.60492  1.47366  -1.44856 0.260 6.19811  ? 4   GLU A N    1 
ATOM   79  N  N    C GLU A 1 4  ? 3.51521  1.21502  -1.65336 0.160 15.00969 ? 4   GLU A N    1 
ATOM   80  C  CA   A GLU A 1 4  ? 3.15856  1.94964  -0.08635 0.580 7.56933  ? 4   GLU A CA   1 
ATOM   81  C  CA   B GLU A 1 4  ? 3.04971  2.09698  -0.25620 0.260 6.68501  ? 4   GLU A CA   1 
ATOM   82  C  CA   C GLU A 1 4  ? 3.19167  1.65755  -0.30335 0.160 15.09655 ? 4   GLU A CA   1 
ATOM   83  C  C    A GLU A 1 4  ? 1.65230  1.96627  -0.10139 0.580 6.35076  ? 4   GLU A C    1 
ATOM   84  C  C    B GLU A 1 4  ? 1.51109  2.07885  -0.24115 0.260 5.51382  ? 4   GLU A C    1 
ATOM   85  C  C    C GLU A 1 4  ? 1.70169  1.97404  -0.17994 0.160 15.02022 ? 4   GLU A C    1 
ATOM   86  O  O    A GLU A 1 4  ? 1.01100  1.53688  0.85603  0.580 6.94557  ? 4   GLU A O    1 
ATOM   87  O  O    B GLU A 1 4  ? 0.88097  1.60421  0.71096  0.260 6.23496  ? 4   GLU A O    1 
ATOM   88  O  O    C GLU A 1 4  ? 1.05691  1.59806  0.80167  0.160 15.16234 ? 4   GLU A O    1 
ATOM   89  C  CB   A GLU A 1 4  ? 3.63456  3.36996  0.27437  0.580 7.30614  ? 4   GLU A CB   1 
ATOM   90  C  CB   B GLU A 1 4  ? 3.57193  3.53407  -0.19220 0.260 8.57208  ? 4   GLU A CB   1 
ATOM   91  C  CB   C GLU A 1 4  ? 4.02089  2.89022  0.06974  0.160 15.29657 ? 4   GLU A CB   1 
ATOM   92  C  CG   A GLU A 1 4  ? 2.87088  4.02637  1.48027  0.580 6.44814  ? 4   GLU A CG   1 
ATOM   93  C  CG   B GLU A 1 4  ? 3.14176  4.31841  1.01250  0.260 10.81182 ? 4   GLU A CG   1 
ATOM   94  C  CG   C GLU A 1 4  ? 3.83398  3.34233  1.50540  0.160 15.58345 ? 4   GLU A CG   1 
ATOM   95  C  CD   A GLU A 1 4  ? 3.23006  3.42727  2.83878  0.580 6.97189  ? 4   GLU A CD   1 
ATOM   96  C  CD   B GLU A 1 4  ? 3.30392  5.80036  0.79639  0.260 12.53835 ? 4   GLU A CD   1 
ATOM   97  C  CD   C GLU A 1 4  ? 4.69979  4.53164  1.86373  0.160 16.04403 ? 4   GLU A CD   1 
ATOM   98  O  OE1  A GLU A 1 4  ? 4.28464  2.77482  2.93595  0.580 8.51944  ? 4   GLU A OE1  1 
ATOM   99  O  OE1  B GLU A 1 4  ? 4.45481  6.25763  0.63445  0.260 13.24369 ? 4   GLU A OE1  1 
ATOM   100 O  OE1  C GLU A 1 4  ? 5.94077  4.42215  1.76777  0.160 15.90454 ? 4   GLU A OE1  1 
ATOM   101 O  OE2  A GLU A 1 4  ? 2.46930  3.62543  3.80429  0.580 7.21139  ? 4   GLU A OE2  1 
ATOM   102 O  OE2  B GLU A 1 4  ? 2.26838  6.49672  0.76209  0.260 13.04630 ? 4   GLU A OE2  1 
ATOM   103 O  OE2  C GLU A 1 4  ? 4.13384  5.57683  2.24422  0.160 16.40986 ? 4   GLU A OE2  1 
ATOM   104 H  H    A GLU A 1 4  ? 4.14072  2.05779  -1.81309 0.580 7.54000  ? 4   GLU A H    1 
ATOM   105 H  H    B GLU A 1 4  ? 4.09110  2.00810  -1.91443 0.260 7.44000  ? 4   GLU A H    1 
ATOM   106 H  H    C GLU A 1 4  ? 4.24219  0.75828  -1.70483 0.160 18.01000 ? 4   GLU A H    1 
ATOM   107 H  HA   A GLU A 1 4  ? 3.49411  1.34168  0.59148  0.580 9.08000  ? 4   GLU A HA   1 
ATOM   108 H  HA   B GLU A 1 4  ? 3.32668  1.60535  0.53261  0.260 8.02000  ? 4   GLU A HA   1 
ATOM   109 H  HA   C GLU A 1 4  ? 3.40472  0.94942  0.32351  0.160 18.11000 ? 4   GLU A HA   1 
ATOM   110 H  HB2  A GLU A 1 4  ? 4.57451  3.33055  0.50892  0.580 8.77000  ? 4   GLU A HB2  1 
ATOM   111 H  HB2  B GLU A 1 4  ? 4.54165  3.50689  -0.18920 0.260 10.29000 ? 4   GLU A HB2  1 
ATOM   112 H  HB2  C GLU A 1 4  ? 4.95981  2.68201  -0.05574 0.160 18.35000 ? 4   GLU A HB2  1 
ATOM   113 H  HB3  A GLU A 1 4  ? 3.50928  3.94279  -0.49853 0.580 8.77000  ? 4   GLU A HB3  1 
ATOM   114 H  HB3  B GLU A 1 4  ? 3.25654  4.00919  -0.97636 0.260 10.29000 ? 4   GLU A HB3  1 
ATOM   115 H  HB3  C GLU A 1 4  ? 3.76293  3.62490  -0.50859 0.160 18.35000 ? 4   GLU A HB3  1 
ATOM   116 H  HG2  A GLU A 1 4  ? 3.08749  4.97231  1.50843  0.580 7.74000  ? 4   GLU A HG2  1 
ATOM   117 H  HG2  B GLU A 1 4  ? 2.20588  4.13752  1.19537  0.260 12.98000 ? 4   GLU A HG2  1 
ATOM   118 H  HG2  C GLU A 1 4  ? 2.90776  3.59581  1.63925  0.160 18.70000 ? 4   GLU A HG2  1 
ATOM   119 H  HG3  A GLU A 1 4  ? 1.91724  3.90811  1.34783  0.580 7.74000  ? 4   GLU A HG3  1 
ATOM   120 H  HG3  B GLU A 1 4  ? 3.68321  4.05993  1.77417  0.260 12.98000 ? 4   GLU A HG3  1 
ATOM   121 H  HG3  C GLU A 1 4  ? 4.06771  2.61270  2.10035  0.160 18.70000 ? 4   GLU A HG3  1 
HETATM 122 N  N    A AIB A 1 5  ? 1.09181  2.47880  -1.17942 0.650 5.82701  ? 5   AIB A N    1 
HETATM 123 N  N    B AIB A 1 5  ? 0.91905  2.62973  -1.29927 0.350 4.75583  ? 5   AIB A N    1 
HETATM 124 C  CA   A AIB A 1 5  ? -0.32452 2.61422  -1.24899 0.650 5.87439  ? 5   AIB A CA   1 
HETATM 125 C  CA   B AIB A 1 5  ? -0.52582 2.63005  -1.47924 0.350 5.13746  ? 5   AIB A CA   1 
HETATM 126 C  C    A AIB A 1 5  ? -0.98666 1.26109  -0.98467 0.650 4.97165  ? 5   AIB A C    1 
HETATM 127 C  C    B AIB A 1 5  ? -1.17529 1.27659  -1.17264 0.350 5.51382  ? 5   AIB A C    1 
HETATM 128 O  O    A AIB A 1 5  ? -1.89563 1.10982  -0.17641 0.650 5.59014  ? 5   AIB A O    1 
HETATM 129 O  O    B AIB A 1 5  ? -2.18183 1.14300  -0.46172 0.350 5.75332  ? 5   AIB A O    1 
HETATM 130 C  CB1  A AIB A 1 5  ? -0.80492 3.64890  -0.21624 0.650 6.22180  ? 5   AIB A CB1  1 
HETATM 131 C  CB1  B AIB A 1 5  ? -1.24757 3.65077  -0.58276 0.350 5.64278  ? 5   AIB A CB1  1 
HETATM 132 C  CB2  A AIB A 1 5  ? -0.73840 3.10739  -2.64320 0.650 5.89018  ? 5   AIB A CB2  1 
HETATM 133 C  CB2  B AIB A 1 5  ? -0.88100 2.98028  -2.93351 0.350 5.53224  ? 5   AIB A CB2  1 
HETATM 134 H  H    A AIB A 1 5  ? 1.50464  2.48891  -2.09142 0.580 6.99000  ? 5   AIB A H    1 
HETATM 135 H  H    B AIB A 1 5  ? 1.32823  3.35751  -1.85171 0.260 5.71000  ? 5   AIB A H    1 
HETATM 136 H  HB11 A AIB A 1 5  ? -0.36906 4.64869  -0.45408 0.650 7.46000  ? 5   AIB A HB11 1 
HETATM 137 H  HB11 B AIB A 1 5  ? -0.82819 4.67039  -0.76059 0.350 6.77000  ? 5   AIB A HB11 1 
HETATM 138 H  HB12 A AIB A 1 5  ? -0.48019 3.33964  0.80612  0.650 7.46000  ? 5   AIB A HB12 1 
HETATM 139 H  HB12 B AIB A 1 5  ? -1.10536 3.37702  0.48976  0.350 6.77000  ? 5   AIB A HB12 1 
HETATM 140 H  HB13 A AIB A 1 5  ? -1.91860 3.71847  -0.24275 0.650 7.46000  ? 5   AIB A HB13 1 
HETATM 141 H  HB13 B AIB A 1 5  ? -2.33821 3.65562  -0.81982 0.350 6.77000  ? 5   AIB A HB13 1 
HETATM 142 H  HB21 A AIB A 1 5  ? -1.84264 3.27927  -2.65716 0.650 7.07000  ? 5   AIB A HB21 1 
HETATM 143 H  HB21 B AIB A 1 5  ? -1.99250 3.00393  -3.04293 0.350 6.64000  ? 5   AIB A HB21 1 
HETATM 144 H  HB22 A AIB A 1 5  ? -0.46447 2.33371  -3.40065 0.650 7.07000  ? 5   AIB A HB22 1 
HETATM 145 H  HB22 B AIB A 1 5  ? -0.44959 2.20480  -3.61177 0.350 6.64000  ? 5   AIB A HB22 1 
HETATM 146 H  HB23 A AIB A 1 5  ? -0.20404 4.06312  -2.86537 0.650 7.07000  ? 5   AIB A HB23 1 
HETATM 147 H  HB23 B AIB A 1 5  ? -0.45363 3.98204  -3.18289 0.350 6.64000  ? 5   AIB A HB23 1 
ATOM   148 N  N    A LEU A 1 6  ? -0.49635 0.24742  -1.69043 0.530 4.56897  ? 6   LEU A N    1 
ATOM   149 N  N    B LEU A 1 6  ? -0.56629 0.23961  -1.74910 0.470 4.58213  ? 6   LEU A N    1 
ATOM   150 C  CA   A LEU A 1 6  ? -1.10272 -1.05672 -1.57982 0.530 4.77689  ? 6   LEU A CA   1 
ATOM   151 C  CA   B LEU A 1 6  ? -1.09395 -1.10487 -1.59434 0.470 4.55318  ? 6   LEU A CA   1 
ATOM   152 C  C    A LEU A 1 6  ? -0.75297 -1.72261 -0.24200 0.530 4.52159  ? 6   LEU A C    1 
ATOM   153 C  C    B LEU A 1 6  ? -0.86437 -1.64557 -0.17863 0.470 4.26893  ? 6   LEU A C    1 
ATOM   154 O  O    A LEU A 1 6  ? -1.59935 -2.36775 0.37537  0.530 4.89532  ? 6   LEU A O    1 
ATOM   155 O  O    B LEU A 1 6  ? -1.77342 -2.20342 0.44121  0.470 4.67161  ? 6   LEU A O    1 
ATOM   156 C  CB   A LEU A 1 6  ? -0.69727 -1.94866 -2.75284 0.530 5.74806  ? 6   LEU A CB   1 
ATOM   157 C  CB   B LEU A 1 6  ? -0.48242 -2.07099 -2.60939 0.470 4.62687  ? 6   LEU A CB   1 
ATOM   158 C  CG   A LEU A 1 6  ? -1.01158 -1.38621 -4.14051 0.530 6.53499  ? 6   LEU A CG   1 
ATOM   159 C  CG   B LEU A 1 6  ? -0.75154 -1.76867 -4.07903 0.470 5.58751  ? 6   LEU A CG   1 
ATOM   160 C  CD1  A LEU A 1 6  ? -0.71977 -2.43802 -5.18521 0.530 7.71408  ? 6   LEU A CD1  1 
ATOM   161 C  CD1  B LEU A 1 6  ? 0.02450  -2.73606 -4.95259 0.470 6.13495  ? 6   LEU A CD1  1 
ATOM   162 C  CD2  A LEU A 1 6  ? -2.43419 -0.89225 -4.26026 0.530 7.59302  ? 6   LEU A CD2  1 
ATOM   163 C  CD2  B LEU A 1 6  ? -2.23327 -1.83569 -4.42799 0.470 6.89030  ? 6   LEU A CD2  1 
ATOM   164 H  H    A LEU A 1 6  ? 0.17320  0.29718  -2.22791 0.650 5.48000  ? 6   LEU A H    1 
ATOM   165 H  H    B LEU A 1 6  ? 0.14519  0.29327  -2.22876 0.350 5.50000  ? 6   LEU A H    1 
ATOM   166 H  HA   A LEU A 1 6  ? -2.06718 -0.95657 -1.61131 0.530 5.73000  ? 6   LEU A HA   1 
ATOM   167 H  HA   B LEU A 1 6  ? -2.04896 -1.06167 -1.75638 0.470 5.46000  ? 6   LEU A HA   1 
ATOM   168 H  HB2  A LEU A 1 6  ? 0.26168  -2.09323 -2.70928 0.530 6.90000  ? 6   LEU A HB2  1 
ATOM   169 H  HB2  B LEU A 1 6  ? 0.48009  -2.06619 -2.48800 0.470 5.55000  ? 6   LEU A HB2  1 
ATOM   170 H  HB3  A LEU A 1 6  ? -1.16451 -2.79406 -2.66930 0.530 6.90000  ? 6   LEU A HB3  1 
ATOM   171 H  HB3  B LEU A 1 6  ? -0.83406 -2.95775 -2.43058 0.470 5.55000  ? 6   LEU A HB3  1 
ATOM   172 H  HG   A LEU A 1 6  ? -0.44784 -0.61256 -4.29332 0.530 7.84000  ? 6   LEU A HG   1 
ATOM   173 H  HG   B LEU A 1 6  ? -0.46068 -0.85998 -4.25408 0.470 6.70000  ? 6   LEU A HG   1 
ATOM   174 H  HD11 A LEU A 1 6  ? -0.97841 -2.09813 -6.05675 0.530 9.26000  ? 6   LEU A HD11 1 
ATOM   175 H  HD11 B LEU A 1 6  ? -0.09021 -2.48493 -5.88259 0.470 7.36000  ? 6   LEU A HD11 1 
ATOM   176 H  HD12 A LEU A 1 6  ? 0.22983  -2.63703 -5.17626 0.530 9.26000  ? 6   LEU A HD12 1 
ATOM   177 H  HD12 B LEU A 1 6  ? 0.96415  -2.69378 -4.71294 0.470 7.36000  ? 6   LEU A HD12 1 
ATOM   178 H  HD13 A LEU A 1 6  ? -1.22787 -3.23776 -4.97820 0.530 9.26000  ? 6   LEU A HD13 1 
ATOM   179 H  HD13 B LEU A 1 6  ? -0.31346 -3.63280 -4.80802 0.470 7.36000  ? 6   LEU A HD13 1 
ATOM   180 H  HD21 A LEU A 1 6  ? -2.60246 -0.63490 -5.17933 0.530 9.11000  ? 6   LEU A HD21 1 
ATOM   181 H  HD21 B LEU A 1 6  ? -2.33910 -1.70795 -5.38340 0.470 8.27000  ? 6   LEU A HD21 1 
ATOM   182 H  HD22 A LEU A 1 6  ? -3.03852 -1.60547 -4.00056 0.530 9.11000  ? 6   LEU A HD22 1 
ATOM   183 H  HD22 B LEU A 1 6  ? -2.57961 -2.70408 -4.16956 0.470 8.27000  ? 6   LEU A HD22 1 
ATOM   184 H  HD23 A LEU A 1 6  ? -2.55293 -0.12797 -3.67536 0.530 9.11000  ? 6   LEU A HD23 1 
ATOM   185 H  HD23 B LEU A 1 6  ? -2.70342 -1.13638 -3.94652 0.470 8.27000  ? 6   LEU A HD23 1 
ATOM   186 N  N    A HIS A 1 7  ? 0.50130  -1.60240 0.19489  0.530 5.24537  ? 7   HIS A N    1 
ATOM   187 N  N    B HIS A 1 7  ? 0.35324  -1.48560 0.33783  0.470 4.76110  ? 7   HIS A N    1 
ATOM   188 C  CA   A HIS A 1 7  ? 0.87276  -2.22299 1.45624  0.530 5.61120  ? 7   HIS A CA   1 
ATOM   189 C  CA   B HIS A 1 7  ? 0.65980  -2.01287 1.66085  0.470 5.42170  ? 7   HIS A CA   1 
ATOM   190 C  C    A HIS A 1 7  ? 0.02717  -1.65432 2.61386  0.530 6.11915  ? 7   HIS A C    1 
ATOM   191 C  C    B HIS A 1 7  ? -0.26989 -1.45565 2.70361  0.470 6.15337  ? 7   HIS A C    1 
ATOM   192 O  O    A HIS A 1 7  ? -0.31147 -2.38227 3.55420  0.530 6.24022  ? 7   HIS A O    1 
ATOM   193 O  O    B HIS A 1 7  ? -0.77635 -2.17767 3.56900  0.470 5.89808  ? 7   HIS A O    1 
ATOM   194 C  CB   A HIS A 1 7  ? 2.39436  -2.08089 1.70635  0.530 4.65845  ? 7   HIS A CB   1 
ATOM   195 C  CB   B HIS A 1 7  ? 2.06174  -1.60657 2.06715  0.470 5.32959  ? 7   HIS A CB   1 
ATOM   196 C  CG   A HIS A 1 7  ? 3.27172  -3.15285 1.09587  0.530 4.66635  ? 7   HIS A CG   1 
ATOM   197 C  CG   B HIS A 1 7  ? 3.10378  -2.50520 1.50654  0.470 5.53751  ? 7   HIS A CG   1 
ATOM   198 N  ND1  A HIS A 1 7  ? 3.26167  -4.46273 1.53414  0.530 5.50592  ? 7   HIS A ND1  1 
ATOM   199 N  ND1  B HIS A 1 7  ? 4.30298  -2.04517 1.01523  0.470 6.55868  ? 7   HIS A ND1  1 
ATOM   200 C  CD2  A HIS A 1 7  ? 4.29339  -3.07033 0.19956  0.530 5.62699  ? 7   HIS A CD2  1 
ATOM   201 C  CD2  B HIS A 1 7  ? 3.11668  -3.84887 1.35380  0.470 5.91913  ? 7   HIS A CD2  1 
ATOM   202 C  CE1  A HIS A 1 7  ? 4.17413  -5.14720 0.86913  0.530 5.55856  ? 7   HIS A CE1  1 
ATOM   203 C  CE1  B HIS A 1 7  ? 5.01134  -3.07007 0.57700  0.470 7.26140  ? 7   HIS A CE1  1 
ATOM   204 N  NE2  A HIS A 1 7  ? 4.82101  -4.33108 0.05669  0.530 5.43223  ? 7   HIS A NE2  1 
ATOM   205 N  NE2  B HIS A 1 7  ? 4.31331  -4.17355 0.76412  0.470 6.71396  ? 7   HIS A NE2  1 
ATOM   206 H  H    A HIS A 1 7  ? 1.13201  -1.17965 -0.20886 0.530 6.29000  ? 7   HIS A H    1 
ATOM   207 H  H    B HIS A 1 7  ? 1.00616  -1.08262 -0.05098 0.470 5.71000  ? 7   HIS A H    1 
ATOM   208 H  HA   A HIS A 1 7  ? 0.70221  -3.17755 1.41749  0.530 6.73000  ? 7   HIS A HA   1 
ATOM   209 H  HA   B HIS A 1 7  ? 0.57767  -2.97814 1.61232  0.470 6.51000  ? 7   HIS A HA   1 
ATOM   210 H  HB2  A HIS A 1 7  ? 2.68412  -1.23065 1.33923  0.530 5.59000  ? 7   HIS A HB2  1 
ATOM   211 H  HB2  B HIS A 1 7  ? 2.23579  -0.70774 1.74688  0.470 6.40000  ? 7   HIS A HB2  1 
ATOM   212 H  HB3  A HIS A 1 7  ? 2.54674  -2.09692 2.66420  0.530 5.59000  ? 7   HIS A HB3  1 
ATOM   213 H  HB3  B HIS A 1 7  ? 2.13123  -1.63296 3.03431  0.470 6.40000  ? 7   HIS A HB3  1 
ATOM   214 H  HD2  A HIS A 1 7  ? 4.58162  -2.30159 -0.23621 0.530 6.75000  ? 7   HIS A HD2  1 
ATOM   215 H  HD2  B HIS A 1 7  ? 2.44371  -4.43981 1.60207  0.470 7.10000  ? 7   HIS A HD2  1 
ATOM   216 H  HE1  A HIS A 1 7  ? 4.33677  -6.05889 0.95871  0.530 6.67000  ? 7   HIS A HE1  1 
ATOM   217 H  HE1  B HIS A 1 7  ? 5.85976  -3.02093 0.19909  0.470 8.72000  ? 7   HIS A HE1  1 
ATOM   218 N  N    A VAL A 1 8  ? -0.38026 -0.38633 2.53883  0.270 6.16127  ? 8   VAL A N    1 
ATOM   219 N  N    B VAL A 1 8  ? -0.40701 -0.15628 2.70134  0.490 6.96662  ? 8   VAL A N    1 
ATOM   220 N  N    C VAL A 1 8  ? -0.64010 -0.17388 2.67594  0.240 9.87750  ? 8   VAL A N    1 
ATOM   221 C  CA   A VAL A 1 8  ? -1.28876 0.20545  3.55059  0.270 6.50868  ? 8   VAL A CA   1 
ATOM   222 C  CA   B VAL A 1 8  ? -1.09200 0.47586  3.76210  0.490 6.82977  ? 8   VAL A CA   1 
ATOM   223 C  CA   C VAL A 1 8  ? -1.54251 0.34981  3.69429  0.240 9.36428  ? 8   VAL A CA   1 
ATOM   224 C  C    A VAL A 1 8  ? -2.76059 -0.23613 3.40298  0.270 6.62448  ? 8   VAL A C    1 
ATOM   225 C  C    B VAL A 1 8  ? -2.52546 0.00066  3.65844  0.490 6.38234  ? 8   VAL A C    1 
ATOM   226 C  C    C VAL A 1 8  ? -2.97442 -0.11528 3.42648  0.240 8.78000  ? 8   VAL A C    1 
ATOM   227 O  O    A VAL A 1 8  ? -3.43086 -0.56750 4.38463  0.270 7.58775  ? 8   VAL A O    1 
ATOM   228 O  O    B VAL A 1 8  ? -3.11967 -0.39521 4.65256  0.490 6.75607  ? 8   VAL A O    1 
ATOM   229 O  O    C VAL A 1 8  ? -3.72523 -0.43622 4.35041  0.240 8.57208  ? 8   VAL A O    1 
ATOM   230 C  CB   A VAL A 1 8  ? -1.17363 1.73417  3.56057  0.270 8.04570  ? 8   VAL A CB   1 
ATOM   231 C  CB   B VAL A 1 8  ? -0.90506 1.98071  3.67881  0.490 7.80620  ? 8   VAL A CB   1 
ATOM   232 C  CB   C VAL A 1 8  ? -1.44432 1.88777  3.78880  0.240 10.20122 ? 8   VAL A CB   1 
ATOM   233 C  CG1  A VAL A 1 8  ? -2.17952 2.35811  4.53230  0.270 7.89042  ? 8   VAL A CG1  1 
ATOM   234 C  CG1  B VAL A 1 8  ? -1.73785 2.65831  4.73294  0.490 8.43785  ? 8   VAL A CG1  1 
ATOM   235 C  CG1  C VAL A 1 8  ? -1.89801 2.54218  2.48877  0.240 10.68812 ? 8   VAL A CG1  1 
ATOM   236 C  CG2  A VAL A 1 8  ? 0.20806  2.11717  3.94727  0.270 8.60366  ? 8   VAL A CG2  1 
ATOM   237 C  CG2  B VAL A 1 8  ? 0.57163  2.31279  3.83756  0.490 8.08518  ? 8   VAL A CG2  1 
ATOM   238 C  CG2  C VAL A 1 8  ? -2.25027 2.39891  4.97008  0.240 10.11174 ? 8   VAL A CG2  1 
ATOM   239 H  H    A VAL A 1 8  ? -0.15004 0.15980  1.91595  0.270 7.39000  ? 8   VAL A H    1 
ATOM   240 H  H    B VAL A 1 8  ? -0.10810 0.37189  2.09202  0.490 8.36000  ? 8   VAL A H    1 
ATOM   241 H  H    C VAL A 1 8  ? -0.29725 0.42816  2.16640  0.240 11.85000 ? 8   VAL A H    1 
ATOM   242 H  HA   A VAL A 1 8  ? -1.00279 -0.14131 4.41081  0.270 7.81000  ? 8   VAL A HA   1 
ATOM   243 H  HA   B VAL A 1 8  ? -0.76001 0.24675  4.64336  0.490 8.19000  ? 8   VAL A HA   1 
ATOM   244 H  HA   C VAL A 1 8  ? -1.28204 -0.00337 4.55943  0.240 11.24000 ? 8   VAL A HA   1 
ATOM   245 H  HB   A VAL A 1 8  ? -1.37091 2.07282  2.67339  0.270 9.66000  ? 8   VAL A HB   1 
ATOM   246 H  HB   B VAL A 1 8  ? -1.19847 2.31183  2.81471  0.490 9.37000  ? 8   VAL A HB   1 
ATOM   247 H  HB   C VAL A 1 8  ? -0.51739 2.13566  3.93014  0.240 12.24000 ? 8   VAL A HB   1 
ATOM   248 H  HG11 A VAL A 1 8  ? -2.00093 3.30899  4.60508  0.270 9.47000  ? 8   VAL A HG11 1 
ATOM   249 H  HG11 B VAL A 1 8  ? -1.43670 3.57420  4.83350  0.490 10.13000 ? 8   VAL A HG11 1 
ATOM   250 H  HG11 C VAL A 1 8  ? -1.80563 3.50422  2.57038  0.240 12.82000 ? 8   VAL A HG11 1 
ATOM   251 H  HG12 A VAL A 1 8  ? -3.07630 2.21598  4.19310  0.270 9.47000  ? 8   VAL A HG12 1 
ATOM   252 H  HG12 B VAL A 1 8  ? -2.66796 2.64429  4.45841  0.490 10.13000 ? 8   VAL A HG12 1 
ATOM   253 H  HG12 C VAL A 1 8  ? -1.34459 2.21703  1.76148  0.240 12.82000 ? 8   VAL A HG12 1 
ATOM   254 H  HG13 A VAL A 1 8  ? -2.08296 1.93662  5.40045  0.270 9.47000  ? 8   VAL A HG13 1 
ATOM   255 H  HG13 B VAL A 1 8  ? -1.63358 2.18189  5.57127  0.490 10.13000 ? 8   VAL A HG13 1 
ATOM   256 H  HG13 C VAL A 1 8  ? -2.82678 2.31209  2.32635  0.240 12.82000 ? 8   VAL A HG13 1 
ATOM   257 H  HG21 A VAL A 1 8  ? 0.22700  3.06553  4.15091  0.270 10.32000 ? 8   VAL A HG21 1 
ATOM   258 H  HG21 B VAL A 1 8  ? 0.69792  3.26431  3.69794  0.490 9.70000  ? 8   VAL A HG21 1 
ATOM   259 H  HG21 C VAL A 1 8  ? -2.24152 3.36883  4.96322  0.240 12.13000 ? 8   VAL A HG21 1 
ATOM   260 H  HG22 A VAL A 1 8  ? 0.47014  1.60646  4.72895  0.270 10.32000 ? 8   VAL A HG22 1 
ATOM   261 H  HG22 B VAL A 1 8  ? 0.85497  2.06922  4.73334  0.490 9.70000  ? 8   VAL A HG22 1 
ATOM   262 H  HG22 C VAL A 1 8  ? -3.16162 2.07539  4.89528  0.240 12.13000 ? 8   VAL A HG22 1 
ATOM   263 H  HG23 A VAL A 1 8  ? 0.80710  1.92481  3.20930  0.270 10.32000 ? 8   VAL A HG23 1 
ATOM   264 H  HG23 B VAL A 1 8  ? 1.08088  1.81096  3.18250  0.490 9.70000  ? 8   VAL A HG23 1 
ATOM   265 H  HG23 C VAL A 1 8  ? -1.84940 2.07132  5.79123  0.240 12.13000 ? 8   VAL A HG23 1 
HETATM 266 N  N    A AIB A 1 9  ? -3.25916 -0.22283 2.17015  0.530 6.05862  ? 9   AIB A N    1 
HETATM 267 N  N    B AIB A 1 9  ? -3.05580 0.02654  2.44413  0.470 5.78227  ? 9   AIB A N    1 
HETATM 268 C  CA   A AIB A 1 9  ? -4.60884 -0.69045 1.85447  0.530 7.03242  ? 9   AIB A CA   1 
HETATM 269 C  CA   B AIB A 1 9  ? -4.41721 -0.36113 2.17903  0.470 5.80859  ? 9   AIB A CA   1 
HETATM 270 C  C    A AIB A 1 9  ? -4.93392 -2.05762 2.46064  0.530 6.84029  ? 9   AIB A C    1 
HETATM 271 C  C    B AIB A 1 9  ? -4.74316 -1.77901 2.69809  0.470 5.88755  ? 9   AIB A C    1 
HETATM 272 O  O    A AIB A 1 9  ? -6.04650 -2.37945 2.86415  0.530 7.33509  ? 9   AIB A O    1 
HETATM 273 O  O    B AIB A 1 9  ? -5.82604 -2.06959 3.17162  0.470 6.92978  ? 9   AIB A O    1 
HETATM 274 C  CB1  A AIB A 1 9  ? -5.73714 0.25512  2.29709  0.530 7.65355  ? 9   AIB A CB1  1 
HETATM 275 C  CB1  B AIB A 1 9  ? -5.37794 0.63991  2.83181  0.470 6.30602  ? 9   AIB A CB1  1 
HETATM 276 C  CB2  A AIB A 1 9  ? -4.72821 -0.93349 0.33836  0.530 6.75081  ? 9   AIB A CB2  1 
HETATM 277 C  CB2  B AIB A 1 9  ? -4.71320 -0.34402 0.66873  0.470 5.93755  ? 9   AIB A CB2  1 
HETATM 278 H  H    A AIB A 1 9  ? -2.94048 0.39055  1.44625  0.530 7.27000  ? 9   AIB A H    1 
HETATM 279 H  H    B AIB A 1 9  ? -2.72331 0.61009  1.70208  0.470 6.94000  ? 9   AIB A H    1 
HETATM 280 H  HB11 A AIB A 1 9  ? -5.51233 1.29408  1.95738  0.530 9.18000  ? 9   AIB A HB11 1 
HETATM 281 H  HB11 B AIB A 1 9  ? -5.18273 1.66435  2.43363  0.470 7.57000  ? 9   AIB A HB11 1 
HETATM 282 H  HB12 A AIB A 1 9  ? -5.82284 0.24265  3.40930  0.530 9.18000  ? 9   AIB A HB12 1 
HETATM 283 H  HB12 B AIB A 1 9  ? -5.22686 0.64074  3.93787  0.470 7.57000  ? 9   AIB A HB12 1 
HETATM 284 H  HB13 A AIB A 1 9  ? -6.70318 -0.07686 1.84935  0.530 9.18000  ? 9   AIB A HB13 1 
HETATM 285 H  HB13 B AIB A 1 9  ? -6.43194 0.35186  2.60606  0.470 7.57000  ? 9   AIB A HB13 1 
HETATM 286 H  HB21 A AIB A 1 9  ? -5.79158 -1.16626 0.08996  0.530 8.10000  ? 9   AIB A HB21 1 
HETATM 287 H  HB21 B AIB A 1 9  ? -5.81050 -0.48608 0.51096  0.470 7.12000  ? 9   AIB A HB21 1 
HETATM 288 H  HB22 A AIB A 1 9  ? -4.07399 -1.79356 0.05464  0.530 8.10000  ? 9   AIB A HB22 1 
HETATM 289 H  HB22 B AIB A 1 9  ? -4.14816 -1.17263 0.17738  0.470 7.12000  ? 9   AIB A HB22 1 
HETATM 290 H  HB23 A AIB A 1 9  ? -4.40345 -0.01383 -0.20538 0.530 8.10000  ? 9   AIB A HB23 1 
HETATM 291 H  HB23 B AIB A 1 9  ? -4.39285 0.63871  0.24492  0.470 7.12000  ? 9   AIB A HB23 1 
ATOM   292 N  N    A LEU A 1 10 ? -3.89159 -2.88097 2.45971  0.420 6.72712  ? 10  LEU A N    1 
ATOM   293 N  N    B LEU A 1 10 ? -3.75938 -2.66835 2.58710  0.580 5.90860  ? 10  LEU A N    1 
ATOM   294 C  CA   A LEU A 1 10 ? -4.00870 -4.27126 2.84727  0.420 7.20613  ? 10  LEU A CA   1 
ATOM   295 C  CA   B LEU A 1 10 ? -3.93957 -4.06277 2.96985  0.580 6.02967  ? 10  LEU A CA   1 
ATOM   296 C  C    A LEU A 1 10 ? -4.14026 -4.45336 4.33953  0.420 8.00885  ? 10  LEU A C    1 
ATOM   297 C  C    B LEU A 1 10 ? -3.80216 -4.31361 4.47778  0.580 6.48236  ? 10  LEU A C    1 
ATOM   298 O  O    A LEU A 1 10 ? -4.47792 -5.53693 4.78814  0.420 7.98780  ? 10  LEU A O    1 
ATOM   299 O  O    B LEU A 1 10 ? -4.15741 -5.39859 4.95861  0.580 7.63249  ? 10  LEU A O    1 
ATOM   300 C  CB   A LEU A 1 10 ? -2.80216 -5.05451 2.35873  0.420 7.81409  ? 10  LEU A CB   1 
ATOM   301 C  CB   B LEU A 1 10 ? -2.96455 -4.93857 2.18155  0.580 6.58500  ? 10  LEU A CB   1 
ATOM   302 C  CG   A LEU A 1 10 ? -2.85015 -5.33003 0.86601  0.420 7.68776  ? 10  LEU A CG   1 
ATOM   303 C  CG   B LEU A 1 10 ? -3.23373 -4.94120 0.67259  0.580 7.06664  ? 10  LEU A CG   1 
ATOM   304 C  CD1  A LEU A 1 10 ? -1.54976 -5.97345 0.44521  0.420 8.41680  ? 10  LEU A CD1  1 
ATOM   305 C  CD1  B LEU A 1 10 ? -2.07663 -5.59820 -0.08559 0.580 7.49827  ? 10  LEU A CD1  1 
ATOM   306 C  CD2  A LEU A 1 10 ? -4.06157 -6.20163 0.50754  0.420 8.41680  ? 10  LEU A CD2  1 
ATOM   307 C  CD2  B LEU A 1 10 ? -4.59046 -5.58803 0.31893  0.580 8.43785  ? 10  LEU A CD2  1 
ATOM   308 H  H    A LEU A 1 10 ? -3.09448 -2.64916 2.23363  0.530 8.07000  ? 10  LEU A H    1 
ATOM   309 H  H    B LEU A 1 10 ? -2.97315 -2.48608 2.29128  0.470 7.09000  ? 10  LEU A H    1 
ATOM   310 H  HA   A LEU A 1 10 ? -4.81441 -4.62257 2.43765  0.420 8.65000  ? 10  LEU A HA   1 
ATOM   311 H  HA   B LEU A 1 10 ? -4.84966 -4.31781 2.75117  0.580 7.24000  ? 10  LEU A HA   1 
ATOM   312 H  HB2  A LEU A 1 10 ? -1.99741 -4.54625 2.54570  0.420 9.38000  ? 10  LEU A HB2  1 
ATOM   313 H  HB2  B LEU A 1 10 ? -2.06332 -4.60862 2.32369  0.580 7.90000  ? 10  LEU A HB2  1 
ATOM   314 H  HB3  A LEU A 1 10 ? -2.77034 -5.90685 2.82206  0.420 9.38000  ? 10  LEU A HB3  1 
ATOM   315 H  HB3  B LEU A 1 10 ? -3.03835 -5.85158 2.49904  0.580 7.90000  ? 10  LEU A HB3  1 
ATOM   316 H  HG   A LEU A 1 10 ? -2.95642 -4.50103 0.37354  0.420 9.23000  ? 10  LEU A HG   1 
ATOM   317 H  HG   B LEU A 1 10 ? -3.29256 -4.01884 0.37812  0.580 8.48000  ? 10  LEU A HG   1 
ATOM   318 H  HD11 A LEU A 1 10 ? -1.62125 -6.25348 -0.48069 0.420 10.10000 ? 10  LEU A HD11 1 
ATOM   319 H  HD11 B LEU A 1 10 ? -2.29969 -5.63989 -1.02853 0.580 9.00000  ? 10  LEU A HD11 1 
ATOM   320 H  HD12 A LEU A 1 10 ? -0.83225 -5.32746 0.54223  0.420 10.10000 ? 10  LEU A HD12 1 
ATOM   321 H  HD12 B LEU A 1 10 ? -1.27412 -5.06920 0.04156  0.580 9.00000  ? 10  LEU A HD12 1 
ATOM   322 H  HD13 A LEU A 1 10 ? -1.38087 -6.74254 1.01195  0.420 10.10000 ? 10  LEU A HD13 1 
ATOM   323 H  HD13 B LEU A 1 10 ? -1.94046 -6.49381 0.26127  0.580 9.00000  ? 10  LEU A HD13 1 
ATOM   324 H  HD21 A LEU A 1 10 ? -3.88872 -6.65137 -0.33368 0.420 10.10000 ? 10  LEU A HD21 1 
ATOM   325 H  HD21 B LEU A 1 10 ? -4.65149 -5.68675 -0.64474 0.580 10.12000 ? 10  LEU A HD21 1 
ATOM   326 H  HD22 A LEU A 1 10 ? -4.19843 -6.85589 1.21096  0.420 10.10000 ? 10  LEU A HD22 1 
ATOM   327 H  HD22 B LEU A 1 10 ? -4.64598 -6.45707 0.74520  0.580 10.12000 ? 10  LEU A HD22 1 
ATOM   328 H  HD23 A LEU A 1 10 ? -4.84525 -5.63558 0.42621  0.420 10.10000 ? 10  LEU A HD23 1 
ATOM   329 H  HD23 B LEU A 1 10 ? -5.30581 -5.01597 0.63814  0.580 10.12000 ? 10  LEU A HD23 1 
HETATM 330 N  N    A NH2 A 1 11 ? -3.74613 -3.39293 5.21061  0.770 8.60630  ? 11  NH2 A N    1 
HETATM 331 N  N    B NH2 A 1 11 ? -3.08161 -3.32420 5.21522  0.230 6.52710  ? 11  NH2 A N    1 
HETATM 332 H  HN1  A NH2 A 1 11 ? -3.67646 -3.60068 6.07090  0.770 10.33000 ? 11  NH2 A HN1  1 
HETATM 333 H  HN1  B NH2 A 1 11 ? -2.94215 -2.69053 5.82398  0.230 7.83000  ? 11  NH2 A HN1  1 
HETATM 334 H  HN2  A NH2 A 1 11 ? -2.92014 -3.45422 4.88640  0.770 10.33000 ? 11  NH2 A HN2  1 
HETATM 335 H  HN2  B NH2 A 1 11 ? -2.27151 -3.56786 4.93989  0.230 7.83000  ? 11  NH2 A HN2  1 
HETATM 336 CO CO   . CO  B 2 .  ? 6.48286  -4.74147 -1.16818 0.50  9.11162  ? 101 CO  A CO   1 
HETATM 337 O  O    . HOH C 3 .  ? -0.43609 -2.53753 6.35377  1.000 47.07670 ? 201 HOH A O    1 
HETATM 338 O  O    A HOH C 3 .  ? -2.94334 -0.66842 7.15008  0.500 14.42541 ? 202 HOH A O    1 
HETATM 339 O  O    B HOH C 3 .  ? -1.84379 -0.47205 7.10853  0.500 14.31751 ? 202 HOH A O    1 
HETATM 340 O  O    . HOH C 3 .  ? 5.76261  0.36616  1.30989  0.50  18.91279 ? 203 HOH A O    1 
HETATM 341 O  O    A HOH C 3 .  ? 1.23737  -4.81939 3.52937  0.470 11.14607 ? 204 HOH A O    1 
HETATM 342 O  O    B HOH C 3 .  ? 0.13902  -4.74495 4.39316  0.530 12.46728 ? 204 HOH A O    1 
HETATM 343 O  O    . HOH C 3 .  ? 7.21124  2.12001  0.09680  0.50  37.41501 ? 205 HOH A O    1 
HETATM 344 O  O    . HOH C 3 .  ? -4.46858 -3.52931 8.25864  1.000 18.23903 ? 206 HOH A O    1 
HETATM 345 O  O    A HOH C 3 .  ? 3.45753  -8.41006 1.37184  0.640 63.09967 ? 207 HOH A O    1 
HETATM 346 O  O    B HOH C 3 .  ? 4.39701  -7.39585 0.62357  0.360 29.49301 ? 207 HOH A O    1 
HETATM 347 O  O    . HOH C 3 .  ? 8.68937  0.54846  -4.67746 1.000 41.84186 ? 208 HOH A O    1 
HETATM 348 O  O    A HOH C 3 .  ? 9.57345  -0.71524 -3.26835 0.520 32.33546 ? 209 HOH A O    1 
HETATM 349 O  O    B HOH C 3 .  ? 9.58887  -1.23498 -4.26275 0.480 34.60152 ? 209 HOH A O    1 
# 
loop_
_atom_site_anisotrop.id 
_atom_site_anisotrop.type_symbol 
_atom_site_anisotrop.pdbx_label_atom_id 
_atom_site_anisotrop.pdbx_label_alt_id 
_atom_site_anisotrop.pdbx_label_comp_id 
_atom_site_anisotrop.pdbx_label_asym_id 
_atom_site_anisotrop.pdbx_label_seq_id 
_atom_site_anisotrop.pdbx_PDB_ins_code 
_atom_site_anisotrop.U[1][1] 
_atom_site_anisotrop.U[2][2] 
_atom_site_anisotrop.U[3][3] 
_atom_site_anisotrop.U[1][2] 
_atom_site_anisotrop.U[1][3] 
_atom_site_anisotrop.U[2][3] 
_atom_site_anisotrop.pdbx_auth_seq_id 
_atom_site_anisotrop.pdbx_auth_comp_id 
_atom_site_anisotrop.pdbx_auth_asym_id 
_atom_site_anisotrop.pdbx_auth_atom_id 
1   C  C   A ACE A 1  ? 0.07473 0.04409 0.06157 0.01172  0.01864  0.01599  1   ACE A C   
2   C  C   B ACE A 1  ? 0.08661 0.05488 0.07862 0.00450  0.02368  0.01198  1   ACE A C   
3   O  O   A ACE A 1  ? 0.07861 0.05864 0.06106 0.00167  0.01409  0.01828  1   ACE A O   
4   O  O   B ACE A 1  ? 0.09580 0.05329 0.07311 -0.00736 0.02657  0.01003  1   ACE A O   
13  N  N   A LEU A 2  ? 0.07045 0.03643 0.07992 0.01339  0.03923  0.01763  2   LEU A N   
14  N  N   B LEU A 2  ? 0.08095 0.04871 0.07804 0.01796  0.04177  0.00613  2   LEU A N   
15  C  CA  A LEU A 2  ? 0.07425 0.04690 0.06985 0.00760  0.03738  0.01697  2   LEU A CA  
16  C  CA  B LEU A 2  ? 0.08123 0.05623 0.09255 0.01542  0.03383  0.01119  2   LEU A CA  
17  C  C   A LEU A 2  ? 0.07339 0.03241 0.06350 -0.00528 0.02715  0.00443  2   LEU A C   
18  C  C   B LEU A 2  ? 0.07528 0.05649 0.10153 0.01078  0.03220  0.01579  2   LEU A C   
19  O  O   A LEU A 2  ? 0.06933 0.04852 0.05276 -0.01866 0.01934  0.00443  2   LEU A O   
20  O  O   B LEU A 2  ? 0.06708 0.05765 0.09507 0.01673  0.03428  0.01511  2   LEU A O   
21  C  CB  A LEU A 2  ? 0.08257 0.05181 0.07882 -0.00665 0.02949  0.01456  2   LEU A CB  
22  C  CB  B LEU A 2  ? 0.10586 0.05459 0.07775 0.00053  0.02341  0.00755  2   LEU A CB  
23  C  CG  A LEU A 2  ? 0.09073 0.06577 0.09560 -0.01846 0.02270  0.01912  2   LEU A CG  
24  C  CG  B LEU A 2  ? 0.12610 0.05507 0.06684 -0.01299 0.01593  0.00695  2   LEU A CG  
25  C  CD1 A LEU A 2  ? 0.08885 0.10833 0.11212 -0.02530 0.02088  0.03785  2   LEU A CD1 
26  C  CD1 B LEU A 2  ? 0.13549 0.07163 0.07538 -0.02428 0.01020  0.01712  2   LEU A CD1 
27  C  CD2 A LEU A 2  ? 0.10426 0.05825 0.08929 -0.03000 0.01536  0.00811  2   LEU A CD2 
28  C  CD2 B LEU A 2  ? 0.14057 0.07543 0.05939 -0.02530 0.00714  0.01004  2   LEU A CD2 
51  N  N   A AIB A 3  ? 0.06262 0.03659 0.08029 0.00034  0.03393  0.01437  3   AIB A N   
52  N  N   B AIB A 3  ? 0.06862 0.04890 0.12128 0.01244  0.03145  0.02458  3   AIB A N   
53  C  CA  A AIB A 3  ? 0.07368 0.06264 0.09707 -0.01114 0.02408  0.03311  3   AIB A CA  
54  C  CA  B AIB A 3  ? 0.06480 0.04658 0.11592 0.01874  0.03082  0.02204  3   AIB A CA  
55  C  C   A AIB A 3  ? 0.08137 0.06441 0.09141 -0.02081 0.01545  0.03150  3   AIB A C   
56  C  C   B AIB A 3  ? 0.07409 0.04429 0.10492 0.00634  0.01335  0.01861  3   AIB A C   
57  O  O   A AIB A 3  ? 0.08027 0.06953 0.09770 -0.01675 0.01798  0.03802  3   AIB A O   
58  O  O   B AIB A 3  ? 0.07682 0.05561 0.09607 -0.00386 0.01053  0.01913  3   AIB A O   
59  C  CB1 A AIB A 3  ? 0.07271 0.04872 0.10256 0.00344  0.02110  0.03357  3   AIB A CB1 
60  C  CB1 B AIB A 3  ? 0.07199 0.04864 0.11667 0.02132  0.03516  0.02012  3   AIB A CB1 
61  C  CB2 A AIB A 3  ? 0.08166 0.08642 0.12882 -0.01539 0.01180  0.05311  3   AIB A CB2 
62  C  CB2 B AIB A 3  ? 0.06170 0.08302 0.15377 0.01846  0.02750  0.04113  3   AIB A CB2 
77  N  N   A GLU A 4  ? 0.09725 0.05389 0.08746 -0.03439 0.00113  0.01909  4   GLU A N   
78  N  N   B GLU A 4  ? 0.09592 0.05151 0.08807 -0.01323 -0.00347 0.01038  4   GLU A N   
79  N  N   C GLU A 4  ? 0.27938 0.12544 0.16548 0.01930  -0.07116 0.02343  4   GLU A N   
80  C  CA  A GLU A 4  ? 0.13680 0.06917 0.08164 -0.04266 -0.01350 0.02188  4   GLU A CA  
81  C  CA  B GLU A 4  ? 0.12388 0.05329 0.07682 -0.02331 -0.01818 0.00325  4   GLU A CA  
82  C  CA  C GLU A 4  ? 0.28447 0.11897 0.17016 0.01477  -0.07698 0.02196  4   GLU A CA  
83  C  C   A GLU A 4  ? 0.14378 0.04675 0.05077 -0.02449 0.00312  0.00625  4   GLU A C   
84  C  C   B GLU A 4  ? 0.11552 0.04277 0.05120 -0.01904 -0.00260 -0.00620 4   GLU A C   
85  C  C   C GLU A 4  ? 0.28162 0.11424 0.17484 0.01913  -0.07420 0.02371  4   GLU A C   
86  O  O   A GLU A 4  ? 0.15820 0.05894 0.04675 -0.03553 0.00448  0.00352  4   GLU A O   
87  O  O   B GLU A 4  ? 0.12637 0.06130 0.04922 -0.03366 -0.00332 -0.00079 4   GLU A O   
88  O  O   C GLU A 4  ? 0.27981 0.11635 0.17993 0.01993  -0.07288 0.02628  4   GLU A O   
89  C  CB  A GLU A 4  ? 0.13473 0.06810 0.07478 -0.04215 -0.01150 0.01011  4   GLU A CB  
90  C  CB  B GLU A 4  ? 0.14297 0.06098 0.12175 -0.02989 -0.04018 0.01581  4   GLU A CB  
91  C  CB  C GLU A 4  ? 0.29088 0.11789 0.17244 0.00757  -0.08398 0.01841  4   GLU A CB  
92  C  CG  A GLU A 4  ? 0.09929 0.06357 0.08214 -0.01195 0.01569  -0.00527 4   GLU A CG  
93  C  CG  B GLU A 4  ? 0.15817 0.09923 0.15340 -0.04083 -0.05140 0.03764  4   GLU A CG  
94  C  CG  C GLU A 4  ? 0.29759 0.11488 0.17963 0.00053  -0.09274 0.01696  4   GLU A CG  
95  C  CD  A GLU A 4  ? 0.10617 0.07632 0.08241 0.00490  0.02099  -0.00791 4   GLU A CD  
96  C  CD  B GLU A 4  ? 0.16839 0.13134 0.17668 -0.05317 -0.06208 0.05116  4   GLU A CD  
97  C  CD  C GLU A 4  ? 0.30397 0.11764 0.18800 -0.00692 -0.10167 0.01940  4   GLU A CD  
98  O  OE1 A GLU A 4  ? 0.11252 0.11783 0.09335 0.00614  0.01380  -0.00371 4   GLU A OE1 
99  O  OE1 B GLU A 4  ? 0.16904 0.14916 0.18501 -0.05785 -0.06493 0.05603  4   GLU A OE1 
100 O  OE1 C GLU A 4  ? 0.30671 0.10670 0.19089 -0.00836 -0.10554 0.01549  4   GLU A OE1 
101 O  OE2 A GLU A 4  ? 0.12267 0.07078 0.08055 0.00912  0.02521  0.00104  4   GLU A OE2 
102 O  OE2 B GLU A 4  ? 0.17198 0.13752 0.18620 -0.05824 -0.06578 0.05488  4   GLU A OE2 
103 O  OE2 C GLU A 4  ? 0.30621 0.12317 0.19412 -0.00946 -0.10529 0.02518  4   GLU A OE2 
122 N  N   A AIB A 5  ? 0.11849 0.04457 0.05834 0.00265  0.02346  0.01153  5   AIB A N   
123 N  N   B AIB A 5  ? 0.09144 0.04296 0.04629 0.00075  0.01675  -0.00011 5   AIB A N   
124 C  CA  A AIB A 5  ? 0.10383 0.06117 0.05821 0.01895  0.03543  0.01458  5   AIB A CA  
125 C  CA  B AIB A 5  ? 0.07538 0.05825 0.06157 0.00476  0.01884  0.00635  5   AIB A CA  
126 C  C   A AIB A 5  ? 0.08852 0.05087 0.04951 0.01797  0.03247  0.01144  5   AIB A C   
127 C  C   B AIB A 5  ? 0.07810 0.08036 0.05103 -0.01211 0.01607  0.01046  5   AIB A C   
128 O  O   A AIB A 5  ? 0.09302 0.06644 0.05295 0.02199  0.03590  0.01620  5   AIB A O   
129 O  O   B AIB A 5  ? 0.07318 0.08727 0.05815 -0.00760 0.02252  0.01805  5   AIB A O   
130 C  CB1 A AIB A 5  ? 0.11962 0.05812 0.05866 0.01812  0.03125  0.00606  5   AIB A CB1 
131 C  CB1 B AIB A 5  ? 0.07695 0.05826 0.07919 0.00412  0.00708  0.00688  5   AIB A CB1 
132 C  CB2 A AIB A 5  ? 0.09524 0.05714 0.07142 0.02545  0.03888  0.02598  5   AIB A CB2 
133 C  CB2 B AIB A 5  ? 0.07276 0.06733 0.07011 0.00757  0.01993  0.01642  5   AIB A CB2 
148 N  N   A LEU A 6  ? 0.05886 0.04791 0.06683 0.01527  0.03181  0.01454  6   LEU A N   
149 N  N   B LEU A 6  ? 0.07604 0.06352 0.03454 -0.02026 0.01153  -0.00723 6   LEU A N   
150 C  CA  A LEU A 6  ? 0.05570 0.06057 0.06522 0.00260  0.02102  0.01130  6   LEU A CA  
151 C  CA  B LEU A 6  ? 0.06392 0.05885 0.05023 -0.01292 0.01484  -0.00435 6   LEU A CA  
152 C  C   A LEU A 6  ? 0.05604 0.05232 0.06344 -0.00055 0.01597  0.01029  6   LEU A C   
153 C  C   B LEU A 6  ? 0.06249 0.04832 0.05139 -0.00791 0.01308  -0.00686 6   LEU A C   
154 O  O   A LEU A 6  ? 0.06072 0.06274 0.06254 -0.00713 0.01479  0.01919  6   LEU A O   
155 O  O   B LEU A 6  ? 0.06435 0.05303 0.06011 -0.01246 0.01272  -0.00137 6   LEU A O   
156 C  CB  A LEU A 6  ? 0.07021 0.08181 0.06637 -0.01141 0.01374  0.00085  6   LEU A CB  
157 C  CB  B LEU A 6  ? 0.06831 0.05382 0.05368 -0.01382 0.02194  -0.01407 6   LEU A CB  
158 C  CG  A LEU A 6  ? 0.09347 0.09182 0.06301 -0.02055 0.00644  -0.00555 6   LEU A CG  
159 C  CG  B LEU A 6  ? 0.08088 0.07441 0.05700 -0.01940 0.02699  -0.01281 6   LEU A CG  
160 C  CD1 A LEU A 6  ? 0.11221 0.10308 0.07781 -0.02745 -0.00516 -0.01201 6   LEU A CD1 
161 C  CD1 B LEU A 6  ? 0.10325 0.08000 0.04985 -0.02220 0.01830  -0.02387 6   LEU A CD1 
162 C  CD2 A LEU A 6  ? 0.11714 0.09458 0.07678 -0.03254 -0.01699 0.00713  6   LEU A CD2 
163 C  CD2 B LEU A 6  ? 0.09601 0.08887 0.07692 -0.03561 0.00897  -0.00685 6   LEU A CD2 
186 N  N   A HIS A 7  ? 0.06459 0.05311 0.08160 -0.00559 0.00390  0.02047  7   HIS A N   
187 N  N   B HIS A 7  ? 0.06670 0.06183 0.05236 -0.01316 0.00608  0.00530  7   HIS A N   
188 C  CA  A HIS A 7  ? 0.08415 0.05668 0.07237 -0.00986 -0.00028 0.01475  7   HIS A CA  
189 C  CA  B HIS A 7  ? 0.08176 0.05983 0.06441 -0.01020 -0.00216 0.01267  7   HIS A CA  
190 C  C   A HIS A 7  ? 0.11573 0.04553 0.07124 -0.01462 -0.01131 0.00640  7   HIS A C   
191 C  C   B HIS A 7  ? 0.11235 0.06633 0.05511 -0.02699 -0.01216 0.02229  7   HIS A C   
192 O  O   A HIS A 7  ? 0.10844 0.05807 0.07059 -0.00828 -0.00617 0.01637  7   HIS A O   
193 O  O   B HIS A 7  ? 0.10277 0.06201 0.05932 -0.01630 -0.01015 0.02639  7   HIS A O   
194 C  CB  A HIS A 7  ? 0.08378 0.03736 0.05586 -0.00023 0.00678  -0.00758 7   HIS A CB  
195 C  CB  B HIS A 7  ? 0.07368 0.07839 0.05043 0.00417  0.01122  -0.00660 7   HIS A CB  
196 C  CG  A HIS A 7  ? 0.07572 0.03820 0.06337 0.00552  0.01099  -0.00886 7   HIS A CG  
197 C  CG  B HIS A 7  ? 0.08212 0.07487 0.05341 0.00568  0.00764  -0.01092 7   HIS A CG  
198 N  ND1 A HIS A 7  ? 0.07913 0.04344 0.08664 0.00203  0.00967  0.00330  7   HIS A ND1 
199 N  ND1 B HIS A 7  ? 0.06935 0.10312 0.07673 0.01546  0.01899  0.00389  7   HIS A ND1 
200 C  CD2 A HIS A 7  ? 0.07849 0.06707 0.06825 -0.00074 0.01529  0.01122  7   HIS A CD2 
201 C  CD2 B HIS A 7  ? 0.08087 0.07425 0.06978 0.00604  0.00267  -0.01584 7   HIS A CD2 
202 C  CE1 A HIS A 7  ? 0.07896 0.05043 0.08180 0.00532  0.01590  0.00289  7   HIS A CE1 
203 C  CE1 B HIS A 7  ? 0.07572 0.11297 0.08721 0.00911  0.01258  0.00893  7   HIS A CE1 
204 N  NE2 A HIS A 7  ? 0.07380 0.05947 0.07312 0.01015  0.02481  0.00494  7   HIS A NE2 
205 N  NE2 B HIS A 7  ? 0.07786 0.09338 0.08386 0.00908  0.00815  -0.00952 7   HIS A NE2 
218 N  N   A VAL A 8  ? 0.14716 0.04237 0.04456 -0.01717 -0.00760 -0.00245 8   VAL A N   
219 N  N   B VAL A 8  ? 0.15084 0.05869 0.05517 -0.03865 -0.02585 0.01269  8   VAL A N   
220 N  N   C VAL A 8  ? 0.20736 0.07729 0.09065 -0.03784 -0.00098 0.01781  8   VAL A N   
221 C  CA  A VAL A 8  ? 0.15467 0.04805 0.04457 -0.01930 -0.00544 -0.00411 8   VAL A CA  
222 C  CA  B VAL A 8  ? 0.15894 0.05200 0.04856 -0.03199 -0.01799 0.00353  8   VAL A CA  
223 C  CA  C VAL A 8  ? 0.20250 0.06969 0.08360 -0.03321 0.00481  0.01074  8   VAL A CA  
224 C  C   A VAL A 8  ? 0.15632 0.05196 0.04341 -0.01923 0.00809  -0.00618 8   VAL A C   
225 C  C   B VAL A 8  ? 0.15176 0.04285 0.04789 -0.01904 -0.00429 -0.00193 8   VAL A C   
226 C  C   C VAL A 8  ? 0.19411 0.07557 0.06392 -0.02907 0.01524  0.00661  8   VAL A C   
227 O  O   A VAL A 8  ? 0.17246 0.06979 0.04605 -0.01643 0.01040  0.00420  8   VAL A O   
228 O  O   B VAL A 8  ? 0.16117 0.05235 0.04318 -0.02760 -0.00200 -0.00182 8   VAL A O   
229 O  O   C VAL A 8  ? 0.17650 0.09426 0.05495 -0.02110 0.02327  0.01044  8   VAL A O   
230 C  CB  A VAL A 8  ? 0.18280 0.05404 0.06886 -0.02472 -0.02222 -0.00136 8   VAL A CB  
231 C  CB  B VAL A 8  ? 0.16383 0.06010 0.07267 -0.04041 -0.02614 0.00667  8   VAL A CB  
232 C  CB  C VAL A 8  ? 0.20541 0.07778 0.10442 -0.04003 -0.00096 0.02231  8   VAL A CB  
233 C  CG1 A VAL A 8  ? 0.17791 0.05250 0.06938 -0.01816 -0.01687 -0.00737 8   VAL A CG1 
234 C  CG1 B VAL A 8  ? 0.15826 0.06510 0.09723 -0.04530 -0.02804 0.01191  8   VAL A CG1 
235 C  CG1 C VAL A 8  ? 0.20590 0.09164 0.10857 -0.04394 -0.00157 0.03342  8   VAL A CG1 
236 C  CG2 A VAL A 8  ? 0.19116 0.05667 0.07907 -0.02777 -0.02845 0.00267  8   VAL A CG2 
237 C  CG2 B VAL A 8  ? 0.15256 0.07211 0.08253 -0.03402 -0.01370 0.01555  8   VAL A CG2 
238 C  CG2 C VAL A 8  ? 0.20408 0.06795 0.11217 -0.03833 -0.00445 0.01729  8   VAL A CG2 
266 N  N   A AIB A 9  ? 0.12034 0.06140 0.04847 -0.00383 0.03430  0.00465  9   AIB A N   
267 N  N   B AIB A 9  ? 0.12603 0.04466 0.04901 -0.00479 0.02088  0.00080  9   AIB A N   
268 C  CA  A AIB A 9  ? 0.10123 0.08055 0.08542 0.00181  0.03855  0.02492  9   AIB A CA  
269 C  CA  B AIB A 9  ? 0.10218 0.05847 0.06005 0.00374  0.03672  0.00791  9   AIB A CA  
270 C  C   A AIB A 9  ? 0.08650 0.08545 0.08795 0.00617  0.04554  0.02869  9   AIB A C   
271 C  C   B AIB A 9  ? 0.09972 0.05994 0.06404 -0.00434 0.03866  0.00055  9   AIB A C   
272 O  O   A AIB A 9  ? 0.08619 0.10015 0.09236 0.01023  0.04828  0.02859  9   AIB A O   
273 O  O   B AIB A 9  ? 0.09803 0.07311 0.09216 0.00064  0.03967  0.01625  9   AIB A O   
274 C  CB1 A AIB A 9  ? 0.11927 0.06886 0.10266 -0.00348 0.02025  0.02326  9   AIB A CB1 
275 C  CB1 B AIB A 9  ? 0.09676 0.06417 0.07868 0.01545  0.03973  0.01120  9   AIB A CB1 
276 C  CB2 A AIB A 9  ? 0.08777 0.06649 0.10224 0.01330  0.04024  0.02674  9   AIB A CB2 
277 C  CB2 B AIB A 9  ? 0.08832 0.06717 0.07011 -0.00253 0.03254  0.01320  9   AIB A CB2 
292 N  N   A LEU A 10 ? 0.07970 0.07718 0.09872 0.00581  0.04650  0.02811  10  LEU A N   
293 N  N   B LEU A 10 ? 0.09225 0.05335 0.07890 -0.01185 0.03677  -0.01033 10  LEU A N   
294 C  CA  A LEU A 10 ? 0.07700 0.07904 0.11777 0.00693  0.04939  0.02975  10  LEU A CA  
295 C  CA  B LEU A 10 ? 0.08520 0.04857 0.09534 -0.01158 0.04152  -0.00644 10  LEU A CA  
296 C  C   A LEU A 10 ? 0.07929 0.09697 0.12804 0.00470  0.04179  0.04773  10  LEU A C   
297 C  C   B LEU A 10 ? 0.09579 0.05182 0.09869 -0.01188 0.03947  0.01066  10  LEU A C   
298 O  O   A LEU A 10 ? 0.07661 0.08540 0.14149 0.01094  0.03869  0.05334  10  LEU A O   
299 O  O   B LEU A 10 ? 0.09263 0.06382 0.13354 -0.00226 0.03781  0.02567  10  LEU A O   
300 C  CB  A LEU A 10 ? 0.08690 0.07349 0.13651 -0.00441 0.04382  0.02005  10  LEU A CB  
301 C  CB  B LEU A 10 ? 0.08171 0.04304 0.12545 -0.01547 0.03507  -0.01496 10  LEU A CB  
302 C  CG  A LEU A 10 ? 0.09591 0.06489 0.13129 -0.00682 0.04250  0.00562  10  LEU A CG  
303 C  CG  B LEU A 10 ? 0.08829 0.05801 0.12221 -0.02061 0.03787  -0.02749 10  LEU A CG  
304 C  CD1 A LEU A 10 ? 0.09955 0.09398 0.12627 -0.00876 0.04438  0.01425  10  LEU A CD1 
305 C  CD1 B LEU A 10 ? 0.09512 0.05441 0.13537 -0.01587 0.03434  -0.02686 10  LEU A CD1 
306 C  CD2 A LEU A 10 ? 0.10057 0.06808 0.15115 -0.01420 0.03241  0.01161  10  LEU A CD2 
307 C  CD2 B LEU A 10 ? 0.10042 0.08365 0.13653 -0.03250 0.02843  -0.02129 10  LEU A CD2 
330 N  N   A NH2 A 11 ? 0.09219 0.10754 0.12728 -0.00986 0.03115  0.05302  11  NH2 A N   
331 N  N   B NH2 A 11 ? 0.11294 0.05326 0.08181 -0.02884 0.02822  0.00804  11  NH2 A N   
336 CO CO  . CO  B .  ? 0.11558 0.08911 0.14150 0.01035  0.03656  0.00024  101 CO  A CO  
337 O  O   . HOH C .  ? 0.50358 0.47710 0.80801 -0.11565 -0.08535 -0.22265 201 HOH A O   
338 O  O   A HOH C .  ? 0.18827 0.25775 0.10209 0.00390  -0.02156 0.00456  202 HOH A O   
339 O  O   B HOH C .  ? 0.16881 0.28833 0.08685 0.01806  -0.01910 0.03919  202 HOH A O   
340 O  O   . HOH C .  ? 0.17899 0.30338 0.23624 -0.08385 -0.08004 0.12957  203 HOH A O   
341 O  O   A HOH C .  ? 0.20418 0.11069 0.10863 -0.06452 -0.00396 0.03424  204 HOH A O   
342 O  O   B HOH C .  ? 0.08971 0.17054 0.21345 0.00865  0.00478  0.10168  204 HOH A O   
343 O  O   . HOH C .  ? 0.39582 0.58520 0.44058 -0.22580 -0.12306 0.25041  205 HOH A O   
344 O  O   . HOH C .  ? 0.17269 0.15190 0.36841 -0.03267 0.01934  0.07482  206 HOH A O   
345 O  O   A HOH C .  ? 0.80958 0.69501 0.89291 -0.30254 0.21342  0.25511  207 HOH A O   
346 O  O   B HOH C .  ? 0.25096 0.45167 0.41797 -0.09028 0.04292  -0.24364 207 HOH A O   
347 O  O   . HOH C .  ? 0.28991 0.58934 0.71055 0.08996  0.10547  0.38007  208 HOH A O   
348 O  O   A HOH C .  ? 0.39844 0.31236 0.51780 0.04189  -0.06949 0.04593  209 HOH A O   
349 O  O   B HOH C .  ? 0.33749 0.51562 0.46159 0.05184  0.01082  0.04549  209 HOH A O   
# 
